data_4A9W
#
_entry.id   4A9W
#
_cell.length_a   84.002
_cell.length_b   84.002
_cell.length_c   103.234
_cell.angle_alpha   90.00
_cell.angle_beta   90.00
_cell.angle_gamma   120.00
#
_symmetry.space_group_name_H-M   'P 32'
#
loop_
_entity.id
_entity.type
_entity.pdbx_description
1 polymer MONOOXYGENASE
2 non-polymer 'FLAVIN-ADENINE DINUCLEOTIDE'
3 non-polymer 'SULFATE ION'
4 water water
#
_entity_poly.entity_id   1
_entity_poly.type   'polypeptide(L)'
_entity_poly.pdbx_seq_one_letter_code
;MDSVDVVVIGGGQSGLSAGYFLRRSGLSYVILDAEASPGGAWQHAWHSLHLFSPAGWSSIPGWPMPASQGPYPARAEVLA
YLAQYEQKYALPVLRPIRVQRVSHFGERLRVVARDGRQWLARAVISATGTWGEAYTPEYQGLESFAGIQLHSAHYSTPAP
FAGMRVAIIGGGNSGAQILAEVSTVAETTWITQHEPAFLADDVDGRVLFERATERWKAQQEGREPDLPPGGFGDIVMVPP
VLDARARGVLAAVPPPARFSPTGMQWADGTERAFDAVIWCTGFRPALSHLKGLDLVTPQGQVEVDGSGLRALAVPSVWLL
GYGDWNGMASATLIGVTRYAREAVRQVTAYCADHQDR
;
_entity_poly.pdbx_strand_id   A,B
#
loop_
_chem_comp.id
_chem_comp.type
_chem_comp.name
_chem_comp.formula
FAD non-polymer 'FLAVIN-ADENINE DINUCLEOTIDE' 'C27 H33 N9 O15 P2'
SO4 non-polymer 'SULFATE ION' 'O4 S -2'
#
# COMPACT_ATOMS: atom_id res chain seq x y z
N MET A 1 -5.38 -3.26 -24.86
CA MET A 1 -4.62 -4.50 -25.24
C MET A 1 -3.49 -4.28 -26.26
N ASP A 2 -2.41 -3.63 -25.79
CA ASP A 2 -1.08 -3.82 -26.33
C ASP A 2 -0.76 -5.31 -26.22
N SER A 3 -0.37 -5.90 -27.35
CA SER A 3 0.24 -7.21 -27.40
C SER A 3 1.73 -7.06 -27.35
N VAL A 4 2.40 -7.77 -26.45
CA VAL A 4 3.86 -7.79 -26.40
C VAL A 4 4.33 -9.26 -26.37
N ASP A 5 5.54 -9.58 -26.83
CA ASP A 5 6.00 -10.95 -26.66
C ASP A 5 6.13 -11.28 -25.15
N VAL A 6 6.78 -10.40 -24.39
CA VAL A 6 7.04 -10.69 -22.99
C VAL A 6 6.60 -9.56 -22.10
N VAL A 7 5.78 -9.84 -21.08
CA VAL A 7 5.56 -8.91 -19.95
C VAL A 7 6.46 -9.34 -18.76
N VAL A 8 7.25 -8.40 -18.25
CA VAL A 8 8.02 -8.64 -17.04
C VAL A 8 7.26 -7.98 -15.95
N ILE A 9 6.85 -8.75 -14.95
CA ILE A 9 6.15 -8.22 -13.79
C ILE A 9 7.12 -8.07 -12.62
N GLY A 10 7.36 -6.81 -12.25
CA GLY A 10 8.31 -6.44 -11.24
C GLY A 10 9.48 -5.73 -11.88
N GLY A 11 9.83 -4.57 -11.30
CA GLY A 11 10.95 -3.76 -11.80
C GLY A 11 12.00 -3.47 -10.72
N GLY A 12 12.43 -4.53 -10.02
CA GLY A 12 13.56 -4.51 -9.09
C GLY A 12 14.77 -5.01 -9.87
N GLN A 13 15.85 -5.41 -9.18
CA GLN A 13 17.01 -5.91 -9.88
C GLN A 13 16.68 -7.09 -10.76
N SER A 14 15.74 -7.94 -10.33
CA SER A 14 15.40 -9.12 -11.06
C SER A 14 14.76 -8.73 -12.39
N GLY A 15 13.75 -7.85 -12.36
CA GLY A 15 13.11 -7.41 -13.59
C GLY A 15 14.11 -6.70 -14.47
N LEU A 16 14.99 -5.93 -13.85
CA LEU A 16 15.98 -5.17 -14.59
C LEU A 16 16.93 -6.06 -15.36
N SER A 17 17.38 -7.14 -14.70
CA SER A 17 18.16 -8.20 -15.35
C SER A 17 17.38 -8.83 -16.50
N ALA A 18 16.15 -9.25 -16.25
CA ALA A 18 15.43 -9.80 -17.37
C ALA A 18 15.50 -8.74 -18.48
N GLY A 19 15.36 -7.48 -18.12
CA GLY A 19 15.21 -6.45 -19.11
C GLY A 19 16.50 -6.21 -19.86
N TYR A 20 17.63 -6.45 -19.19
CA TYR A 20 18.92 -6.35 -19.85
C TYR A 20 19.02 -7.34 -21.01
N PHE A 21 18.56 -8.57 -20.82
CA PHE A 21 18.64 -9.57 -21.89
C PHE A 21 17.57 -9.41 -22.93
N LEU A 22 16.35 -9.08 -22.51
CA LEU A 22 15.22 -8.85 -23.48
C LEU A 22 15.54 -7.75 -24.47
N ARG A 23 16.29 -6.77 -24.01
CA ARG A 23 16.85 -5.76 -24.89
C ARG A 23 17.71 -6.42 -26.01
N ARG A 24 18.59 -7.35 -25.63
CA ARG A 24 19.57 -7.93 -26.59
C ARG A 24 18.92 -8.96 -27.52
N SER A 25 17.64 -9.27 -27.29
CA SER A 25 16.89 -10.23 -28.14
C SER A 25 16.05 -9.47 -29.12
N GLY A 26 15.34 -10.18 -29.98
CA GLY A 26 14.50 -9.48 -30.94
C GLY A 26 13.28 -8.87 -30.27
N LEU A 27 12.86 -9.49 -29.17
CA LEU A 27 11.47 -9.46 -28.66
C LEU A 27 10.99 -8.08 -28.25
N SER A 28 9.68 -7.85 -28.40
CA SER A 28 9.05 -6.66 -27.80
C SER A 28 8.59 -7.05 -26.38
N TYR A 29 8.64 -6.10 -25.43
CA TYR A 29 8.37 -6.40 -24.02
C TYR A 29 8.17 -5.15 -23.18
N VAL A 30 7.75 -5.36 -21.95
CA VAL A 30 7.50 -4.27 -21.05
C VAL A 30 7.75 -4.77 -19.63
N ILE A 31 8.19 -3.84 -18.78
CA ILE A 31 8.46 -4.08 -17.37
C ILE A 31 7.45 -3.28 -16.57
N LEU A 32 6.78 -3.95 -15.65
CA LEU A 32 5.66 -3.35 -14.98
C LEU A 32 5.95 -3.43 -13.50
N ASP A 33 6.14 -2.28 -12.88
CA ASP A 33 6.55 -2.25 -11.50
C ASP A 33 5.55 -1.44 -10.65
N ALA A 34 5.29 -1.91 -9.43
CA ALA A 34 4.30 -1.27 -8.58
C ALA A 34 4.78 -0.07 -7.79
N GLU A 35 6.08 0.00 -7.51
CA GLU A 35 6.64 1.12 -6.75
C GLU A 35 6.43 2.51 -7.39
N ALA A 36 6.66 3.55 -6.60
CA ALA A 36 6.61 4.93 -7.09
C ALA A 36 7.93 5.27 -7.76
N SER A 37 9.00 4.63 -7.30
CA SER A 37 10.37 4.97 -7.70
C SER A 37 11.15 3.72 -8.02
N PRO A 38 12.26 3.89 -8.74
CA PRO A 38 13.02 2.69 -9.07
C PRO A 38 13.71 2.17 -7.81
N GLY A 39 14.18 0.93 -7.85
CA GLY A 39 15.00 0.36 -6.77
C GLY A 39 14.38 -0.79 -6.03
N GLY A 40 13.12 -1.08 -6.38
CA GLY A 40 12.46 -2.25 -5.88
C GLY A 40 12.30 -2.22 -4.39
N ALA A 41 12.54 -3.36 -3.74
CA ALA A 41 12.33 -3.50 -2.29
C ALA A 41 13.37 -2.73 -1.48
N TRP A 42 14.41 -2.23 -2.14
CA TRP A 42 15.44 -1.43 -1.42
C TRP A 42 14.84 -0.14 -0.76
N GLN A 43 13.90 0.51 -1.47
CA GLN A 43 13.11 1.66 -0.92
C GLN A 43 12.44 1.36 0.41
N HIS A 44 12.39 0.10 0.81
CA HIS A 44 11.68 -0.25 2.02
C HIS A 44 12.61 -0.90 3.04
N ALA A 45 13.93 -0.76 2.90
CA ALA A 45 14.83 -1.33 3.91
C ALA A 45 15.17 -0.27 4.93
N TRP A 46 15.51 -0.66 6.16
CA TRP A 46 15.82 0.31 7.23
C TRP A 46 16.92 1.31 6.81
N HIS A 47 17.07 2.44 7.51
CA HIS A 47 18.01 3.49 7.06
C HIS A 47 19.47 3.07 6.94
N SER A 48 19.96 2.32 7.94
CA SER A 48 21.39 2.03 8.03
C SER A 48 21.87 0.91 7.12
N LEU A 49 20.98 0.21 6.42
CA LEU A 49 21.31 -0.96 5.57
C LEU A 49 22.43 -0.77 4.56
N HIS A 50 23.48 -1.55 4.70
CA HIS A 50 24.46 -1.64 3.63
C HIS A 50 24.42 -3.06 3.09
N LEU A 51 25.00 -3.27 1.92
CA LEU A 51 25.05 -4.59 1.34
C LEU A 51 26.15 -5.41 1.98
N PHE A 52 26.10 -6.72 1.86
CA PHE A 52 27.11 -7.53 2.53
C PHE A 52 28.29 -7.94 1.63
N SER A 53 28.42 -7.25 0.50
CA SER A 53 29.47 -7.50 -0.50
C SER A 53 29.86 -6.18 -1.13
N PRO A 54 31.09 -6.07 -1.66
CA PRO A 54 31.43 -4.81 -2.35
C PRO A 54 30.58 -4.59 -3.58
N ALA A 55 30.53 -3.36 -4.08
CA ALA A 55 29.88 -3.00 -5.33
C ALA A 55 30.07 -4.03 -6.44
N GLY A 56 31.33 -4.39 -6.64
CA GLY A 56 31.72 -5.27 -7.74
C GLY A 56 31.12 -6.67 -7.60
N TRP A 57 30.75 -7.05 -6.37
CA TRP A 57 30.11 -8.33 -6.09
C TRP A 57 28.61 -8.12 -5.87
N SER A 58 28.11 -7.00 -6.38
CA SER A 58 26.71 -6.70 -6.19
C SER A 58 26.20 -6.04 -7.47
N SER A 59 26.78 -6.41 -8.61
CA SER A 59 26.35 -5.89 -9.92
C SER A 59 25.52 -6.91 -10.69
N ILE A 60 24.60 -6.42 -11.51
CA ILE A 60 23.65 -7.24 -12.29
C ILE A 60 24.21 -7.22 -13.74
N PRO A 61 23.48 -7.69 -14.77
CA PRO A 61 24.24 -7.86 -16.03
C PRO A 61 24.77 -6.55 -16.61
N GLY A 62 25.84 -6.59 -17.40
CA GLY A 62 26.33 -5.40 -18.11
C GLY A 62 26.88 -4.32 -17.19
N TRP A 63 26.28 -3.14 -17.21
CA TRP A 63 26.84 -2.02 -16.48
C TRP A 63 26.88 -2.32 -15.00
N PRO A 64 28.10 -2.39 -14.40
CA PRO A 64 28.27 -2.72 -12.97
C PRO A 64 27.95 -1.57 -12.01
N MET A 65 27.77 -1.88 -10.74
CA MET A 65 27.44 -0.88 -9.78
C MET A 65 28.62 0.06 -9.62
N PRO A 66 28.37 1.39 -9.76
CA PRO A 66 29.45 2.36 -9.61
C PRO A 66 30.22 2.08 -8.35
N ALA A 67 31.48 2.51 -8.37
CA ALA A 67 32.38 2.42 -7.21
C ALA A 67 31.88 3.20 -5.97
N SER A 68 31.80 2.53 -4.83
CA SER A 68 31.42 3.20 -3.62
C SER A 68 32.64 3.21 -2.71
N GLN A 69 32.53 3.88 -1.57
CA GLN A 69 33.68 4.36 -0.85
C GLN A 69 33.85 3.76 0.57
N GLY A 70 32.82 3.14 1.11
CA GLY A 70 33.09 2.35 2.34
C GLY A 70 33.71 0.99 2.02
N PRO A 71 33.68 0.05 2.97
CA PRO A 71 33.82 -1.32 2.45
C PRO A 71 32.56 -1.78 1.66
N TYR A 72 31.36 -1.44 2.17
CA TYR A 72 30.10 -1.94 1.63
C TYR A 72 29.11 -0.85 1.21
N PRO A 73 28.57 -0.93 -0.01
CA PRO A 73 27.64 0.05 -0.58
C PRO A 73 26.43 0.35 0.32
N ALA A 74 26.11 1.64 0.44
CA ALA A 74 25.00 2.07 1.28
C ALA A 74 23.67 1.79 0.55
N ARG A 75 22.57 1.76 1.31
CA ARG A 75 21.26 1.61 0.72
C ARG A 75 21.00 2.54 -0.46
N ALA A 76 21.42 3.80 -0.31
CA ALA A 76 21.19 4.84 -1.30
C ALA A 76 21.90 4.51 -2.57
N GLU A 77 23.04 3.83 -2.45
CA GLU A 77 23.77 3.43 -3.66
C GLU A 77 23.10 2.36 -4.48
N VAL A 78 22.50 1.40 -3.84
CA VAL A 78 21.76 0.40 -4.59
C VAL A 78 20.68 1.16 -5.35
N LEU A 79 19.89 1.94 -4.60
CA LEU A 79 18.84 2.73 -5.19
C LEU A 79 19.33 3.49 -6.41
N ALA A 80 20.48 4.16 -6.29
CA ALA A 80 20.95 5.01 -7.39
C ALA A 80 21.38 4.20 -8.60
N TYR A 81 22.20 3.16 -8.35
CA TYR A 81 22.57 2.15 -9.32
C TYR A 81 21.33 1.58 -10.04
N LEU A 82 20.35 1.06 -9.29
CA LEU A 82 19.15 0.58 -9.95
C LEU A 82 18.49 1.65 -10.85
N ALA A 83 18.24 2.84 -10.32
CA ALA A 83 17.70 3.90 -11.17
C ALA A 83 18.58 4.28 -12.37
N GLN A 84 19.90 4.46 -12.19
CA GLN A 84 20.76 4.79 -13.37
C GLN A 84 20.71 3.69 -14.47
N TYR A 85 20.69 2.43 -14.03
CA TYR A 85 20.62 1.23 -14.84
C TYR A 85 19.48 1.24 -15.82
N GLU A 86 18.33 1.67 -15.33
CA GLU A 86 17.11 1.76 -16.14
C GLU A 86 17.29 2.71 -17.29
N GLN A 87 17.93 3.86 -17.02
CA GLN A 87 18.20 4.94 -18.03
C GLN A 87 19.23 4.53 -19.09
N LYS A 88 20.39 4.12 -18.61
CA LYS A 88 21.46 3.58 -19.40
C LYS A 88 20.88 2.59 -20.44
N TYR A 89 20.03 1.66 -20.04
CA TYR A 89 19.56 0.71 -21.01
C TYR A 89 18.22 1.09 -21.63
N ALA A 90 17.73 2.31 -21.32
CA ALA A 90 16.39 2.77 -21.75
C ALA A 90 15.34 1.66 -21.56
N LEU A 91 15.39 1.02 -20.40
CA LEU A 91 14.54 -0.10 -20.15
C LEU A 91 13.05 0.34 -20.15
N PRO A 92 12.16 -0.36 -20.93
CA PRO A 92 10.72 0.01 -20.92
C PRO A 92 10.01 -0.30 -19.58
N VAL A 93 10.29 0.52 -18.57
CA VAL A 93 9.71 0.35 -17.24
C VAL A 93 8.54 1.30 -17.04
N LEU A 94 7.38 0.72 -16.70
CA LEU A 94 6.18 1.47 -16.37
C LEU A 94 5.89 1.33 -14.89
N ARG A 95 5.78 2.47 -14.23
CA ARG A 95 5.69 2.50 -12.79
C ARG A 95 4.94 3.81 -12.43
N PRO A 96 3.95 3.77 -11.52
CA PRO A 96 3.38 2.67 -10.70
C PRO A 96 2.24 1.92 -11.42
N ILE A 97 2.35 0.59 -11.50
CA ILE A 97 1.38 -0.32 -12.12
C ILE A 97 1.29 -1.56 -11.21
N ARG A 98 0.17 -1.78 -10.53
CA ARG A 98 0.06 -2.97 -9.72
C ARG A 98 -0.63 -4.00 -10.60
N VAL A 99 0.05 -5.11 -10.89
CA VAL A 99 -0.59 -6.13 -11.72
C VAL A 99 -1.52 -6.91 -10.82
N GLN A 100 -2.79 -6.96 -11.16
CA GLN A 100 -3.77 -7.68 -10.33
C GLN A 100 -3.73 -9.18 -10.53
N ARG A 101 -3.48 -9.62 -11.76
CA ARG A 101 -3.84 -10.94 -12.25
C ARG A 101 -3.16 -11.20 -13.58
N VAL A 102 -2.59 -12.39 -13.71
CA VAL A 102 -2.28 -12.99 -14.99
C VAL A 102 -3.29 -14.11 -15.19
N SER A 103 -3.94 -14.15 -16.35
CA SER A 103 -4.85 -15.25 -16.63
C SER A 103 -4.79 -15.75 -18.08
N HIS A 104 -5.42 -16.88 -18.32
CA HIS A 104 -5.38 -17.51 -19.63
C HIS A 104 -6.08 -16.68 -20.67
N PHE A 105 -5.47 -16.65 -21.85
CA PHE A 105 -6.10 -16.12 -23.03
C PHE A 105 -5.62 -16.97 -24.22
N GLY A 106 -6.28 -18.11 -24.42
CA GLY A 106 -5.88 -19.06 -25.42
C GLY A 106 -4.55 -19.65 -25.08
N GLU A 107 -3.61 -19.46 -25.99
CA GLU A 107 -2.23 -19.86 -25.85
C GLU A 107 -1.46 -18.75 -25.13
N ARG A 108 -1.95 -17.51 -25.20
CA ARG A 108 -1.27 -16.35 -24.56
C ARG A 108 -1.73 -16.03 -23.10
N LEU A 109 -1.27 -14.92 -22.55
CA LEU A 109 -1.61 -14.57 -21.17
C LEU A 109 -2.03 -13.14 -21.11
N ARG A 110 -3.14 -12.92 -20.40
CA ARG A 110 -3.68 -11.60 -20.21
C ARG A 110 -3.21 -11.08 -18.88
N VAL A 111 -2.56 -9.92 -18.92
CA VAL A 111 -2.07 -9.26 -17.71
C VAL A 111 -2.93 -8.04 -17.43
N VAL A 112 -3.46 -8.00 -16.23
CA VAL A 112 -4.44 -6.97 -15.87
C VAL A 112 -3.98 -6.13 -14.68
N ALA A 113 -4.04 -4.81 -14.83
CA ALA A 113 -3.60 -3.88 -13.81
C ALA A 113 -4.80 -3.37 -12.93
N ARG A 114 -4.53 -2.85 -11.72
CA ARG A 114 -5.59 -2.48 -10.79
C ARG A 114 -6.50 -1.41 -11.40
N ASP A 115 -5.98 -0.70 -12.39
CA ASP A 115 -6.66 0.40 -12.99
C ASP A 115 -7.27 0.10 -14.36
N GLY A 116 -7.20 -1.15 -14.79
CA GLY A 116 -7.83 -1.58 -16.03
C GLY A 116 -6.92 -1.67 -17.23
N ARG A 117 -5.67 -1.22 -17.15
CA ARG A 117 -4.77 -1.40 -18.28
C ARG A 117 -4.54 -2.91 -18.48
N GLN A 118 -4.28 -3.31 -19.72
CA GLN A 118 -4.10 -4.71 -20.06
C GLN A 118 -3.00 -4.95 -21.08
N TRP A 119 -2.22 -5.98 -20.85
CA TRP A 119 -1.36 -6.48 -21.89
C TRP A 119 -1.74 -7.88 -22.27
N LEU A 120 -1.37 -8.25 -23.49
CA LEU A 120 -1.53 -9.61 -23.94
C LEU A 120 -0.13 -10.15 -24.19
N ALA A 121 0.32 -11.14 -23.43
CA ALA A 121 1.70 -11.58 -23.57
C ALA A 121 1.83 -13.02 -24.04
N ARG A 122 2.83 -13.33 -24.89
CA ARG A 122 3.15 -14.74 -25.21
C ARG A 122 3.84 -15.36 -24.03
N ALA A 123 4.65 -14.57 -23.29
CA ALA A 123 5.36 -15.09 -22.12
C ALA A 123 5.31 -14.10 -21.00
N VAL A 124 5.31 -14.59 -19.77
CA VAL A 124 5.44 -13.70 -18.65
C VAL A 124 6.60 -14.12 -17.79
N ILE A 125 7.44 -13.16 -17.39
CA ILE A 125 8.53 -13.43 -16.39
C ILE A 125 8.16 -12.78 -15.04
N SER A 126 7.63 -13.57 -14.13
CA SER A 126 7.26 -13.06 -12.81
C SER A 126 8.55 -12.79 -12.00
N ALA A 127 8.76 -11.53 -11.61
CA ALA A 127 9.96 -11.10 -10.95
C ALA A 127 9.63 -10.11 -9.84
N THR A 128 8.72 -10.50 -8.97
CA THR A 128 8.09 -9.58 -8.04
C THR A 128 8.67 -9.64 -6.63
N GLY A 129 9.78 -10.38 -6.46
CA GLY A 129 10.55 -10.45 -5.21
C GLY A 129 9.77 -11.09 -4.08
N THR A 130 10.22 -10.87 -2.85
CA THR A 130 9.61 -11.48 -1.69
C THR A 130 9.12 -10.44 -0.68
N TRP A 131 9.48 -9.17 -0.85
CA TRP A 131 9.27 -8.23 0.26
C TRP A 131 7.78 -8.02 0.54
N GLY A 132 6.97 -8.02 -0.49
CA GLY A 132 5.56 -7.78 -0.26
C GLY A 132 4.87 -8.90 0.51
N GLU A 133 5.57 -9.99 0.82
CA GLU A 133 4.92 -11.11 1.50
C GLU A 133 5.69 -11.53 2.74
N ALA A 134 5.79 -10.61 3.70
CA ALA A 134 6.57 -10.78 4.90
C ALA A 134 5.93 -11.84 5.79
N TYR A 135 6.72 -12.81 6.22
CA TYR A 135 6.13 -13.94 6.89
C TYR A 135 6.29 -13.89 8.40
N THR A 136 5.17 -14.06 9.09
CA THR A 136 5.18 -14.07 10.56
C THR A 136 4.62 -15.41 11.02
N PRO A 137 5.35 -16.14 11.87
CA PRO A 137 4.76 -17.40 12.30
C PRO A 137 3.54 -17.20 13.24
N GLU A 138 2.95 -18.29 13.73
CA GLU A 138 1.62 -18.20 14.35
C GLU A 138 1.42 -18.52 15.83
N TYR A 139 2.42 -19.01 16.55
CA TYR A 139 2.38 -19.05 18.05
C TYR A 139 1.07 -18.85 18.86
N GLN A 140 0.86 -19.71 19.87
CA GLN A 140 -0.28 -19.56 20.79
C GLN A 140 -0.22 -18.28 21.65
N GLY A 141 -1.36 -17.59 21.71
CA GLY A 141 -1.54 -16.38 22.53
C GLY A 141 -1.02 -15.09 21.90
N LEU A 142 -0.44 -15.20 20.71
CA LEU A 142 0.18 -14.05 20.08
C LEU A 142 -0.77 -12.84 20.00
N GLU A 143 -2.05 -13.12 19.76
CA GLU A 143 -3.06 -12.09 19.59
C GLU A 143 -3.35 -11.38 20.93
N SER A 144 -2.89 -11.97 22.03
CA SER A 144 -3.09 -11.37 23.36
C SER A 144 -1.84 -10.69 23.86
N PHE A 145 -0.76 -10.70 23.07
CA PHE A 145 0.44 -9.93 23.42
C PHE A 145 0.15 -8.42 23.38
N ALA A 146 0.52 -7.70 24.42
CA ALA A 146 0.07 -6.31 24.54
C ALA A 146 1.11 -5.30 24.07
N GLY A 147 2.33 -5.73 23.78
CA GLY A 147 3.42 -4.81 23.41
C GLY A 147 3.45 -4.54 21.91
N ILE A 148 4.61 -4.18 21.41
CA ILE A 148 4.73 -3.77 20.00
C ILE A 148 5.22 -4.90 19.12
N GLN A 149 4.69 -4.98 17.91
CA GLN A 149 5.06 -5.99 16.95
C GLN A 149 5.24 -5.37 15.54
N LEU A 150 6.37 -5.70 14.90
CA LEU A 150 6.58 -5.32 13.49
C LEU A 150 7.42 -6.41 12.87
N HIS A 151 7.35 -6.53 11.55
CA HIS A 151 8.24 -7.41 10.76
C HIS A 151 9.52 -6.67 10.40
N SER A 152 10.59 -7.41 10.10
CA SER A 152 11.82 -6.80 9.62
C SER A 152 11.56 -5.92 8.42
N ALA A 153 10.49 -6.22 7.69
CA ALA A 153 10.06 -5.47 6.50
C ALA A 153 9.80 -4.02 6.79
N HIS A 154 9.50 -3.72 8.04
CA HIS A 154 9.05 -2.38 8.41
C HIS A 154 9.97 -1.74 9.40
N TYR A 155 10.98 -2.50 9.80
CA TYR A 155 11.98 -1.97 10.69
C TYR A 155 12.64 -0.78 10.00
N SER A 156 12.90 0.29 10.74
CA SER A 156 13.42 1.48 10.14
C SER A 156 14.60 2.05 10.93
N THR A 157 14.47 2.03 12.25
CA THR A 157 15.25 2.91 13.08
C THR A 157 15.28 2.35 14.50
N PRO A 158 16.43 2.41 15.19
CA PRO A 158 16.48 1.95 16.59
C PRO A 158 15.81 2.86 17.61
N ALA A 159 15.78 4.19 17.38
CA ALA A 159 15.13 5.13 18.34
C ALA A 159 13.84 4.60 18.98
N PRO A 160 12.90 4.06 18.17
CA PRO A 160 11.65 3.66 18.82
C PRO A 160 11.78 2.62 19.96
N PHE A 161 12.86 1.84 20.01
CA PHE A 161 12.97 0.76 21.01
C PHE A 161 13.88 1.13 22.16
N ALA A 162 14.23 2.41 22.23
CA ALA A 162 15.18 2.87 23.23
C ALA A 162 14.64 2.63 24.61
N GLY A 163 15.43 1.98 25.47
CA GLY A 163 15.09 1.73 26.86
C GLY A 163 14.14 0.55 27.04
N MET A 164 13.76 -0.13 25.96
CA MET A 164 12.84 -1.29 26.03
C MET A 164 13.54 -2.63 26.24
N ARG A 165 12.75 -3.63 26.59
CA ARG A 165 13.15 -5.04 26.44
C ARG A 165 12.54 -5.60 25.14
N VAL A 166 13.43 -5.88 24.17
CA VAL A 166 13.05 -6.26 22.80
C VAL A 166 13.52 -7.67 22.40
N ALA A 167 12.60 -8.41 21.83
CA ALA A 167 12.87 -9.75 21.36
C ALA A 167 12.97 -9.67 19.87
N ILE A 168 14.06 -10.23 19.33
CA ILE A 168 14.37 -10.24 17.89
C ILE A 168 14.22 -11.69 17.52
N ILE A 169 13.26 -12.01 16.66
CA ILE A 169 12.98 -13.42 16.33
C ILE A 169 13.34 -13.77 14.88
N GLY A 170 14.25 -14.74 14.72
CA GLY A 170 14.79 -15.10 13.40
C GLY A 170 16.31 -14.89 13.35
N GLY A 171 17.02 -15.88 12.81
CA GLY A 171 18.47 -15.83 12.76
C GLY A 171 19.03 -15.80 11.35
N GLY A 172 18.41 -15.07 10.45
CA GLY A 172 19.01 -14.87 9.15
C GLY A 172 19.95 -13.67 9.20
N ASN A 173 20.19 -13.03 8.06
CA ASN A 173 20.96 -11.78 8.08
C ASN A 173 20.17 -10.61 8.68
N SER A 174 18.86 -10.63 8.53
CA SER A 174 18.08 -9.54 9.03
C SER A 174 18.12 -9.53 10.55
N GLY A 175 17.91 -10.68 11.16
CA GLY A 175 17.96 -10.76 12.62
C GLY A 175 19.27 -10.24 13.19
N ALA A 176 20.37 -10.71 12.60
CA ALA A 176 21.68 -10.43 13.15
C ALA A 176 21.89 -8.94 13.01
N GLN A 177 21.51 -8.41 11.87
CA GLN A 177 21.74 -7.01 11.66
C GLN A 177 20.83 -6.10 12.52
N ILE A 178 19.53 -6.40 12.59
CA ILE A 178 18.62 -5.63 13.42
C ILE A 178 18.94 -5.78 14.90
N LEU A 179 19.14 -7.04 15.33
CA LEU A 179 19.63 -7.27 16.69
C LEU A 179 20.84 -6.34 16.98
N ALA A 180 21.81 -6.33 16.08
CA ALA A 180 23.03 -5.57 16.30
C ALA A 180 22.71 -4.13 16.66
N GLU A 181 21.91 -3.51 15.80
CA GLU A 181 21.51 -2.10 15.91
C GLU A 181 20.61 -1.83 17.13
N VAL A 182 19.52 -2.58 17.24
CA VAL A 182 18.57 -2.32 18.31
C VAL A 182 19.25 -2.48 19.66
N SER A 183 20.06 -3.52 19.80
CA SER A 183 20.77 -3.76 21.04
C SER A 183 21.67 -2.58 21.49
N THR A 184 21.94 -1.61 20.61
CA THR A 184 22.71 -0.44 21.04
C THR A 184 21.84 0.53 21.86
N VAL A 185 20.54 0.23 21.99
CA VAL A 185 19.63 1.06 22.79
C VAL A 185 18.61 0.27 23.65
N ALA A 186 18.54 -1.05 23.51
CA ALA A 186 17.55 -1.83 24.26
C ALA A 186 18.14 -3.14 24.81
N GLU A 187 17.57 -3.67 25.90
CA GLU A 187 17.90 -5.00 26.38
C GLU A 187 17.26 -5.98 25.41
N THR A 188 18.04 -6.93 24.95
CA THR A 188 17.71 -7.63 23.74
C THR A 188 17.70 -9.16 23.99
N THR A 189 16.76 -9.89 23.41
CA THR A 189 16.83 -11.36 23.45
C THR A 189 16.65 -11.91 22.04
N TRP A 190 17.66 -12.62 21.56
CA TRP A 190 17.57 -13.18 20.22
C TRP A 190 16.96 -14.57 20.24
N ILE A 191 15.87 -14.77 19.51
CA ILE A 191 15.17 -16.03 19.55
C ILE A 191 15.16 -16.66 18.19
N THR A 192 15.85 -17.80 18.10
CA THR A 192 16.19 -18.44 16.86
C THR A 192 15.77 -19.93 16.94
N GLN A 193 15.41 -20.56 15.81
CA GLN A 193 15.01 -22.01 15.85
C GLN A 193 16.24 -22.88 15.94
N HIS A 194 17.24 -22.50 15.16
CA HIS A 194 18.49 -23.23 15.11
C HIS A 194 19.57 -22.32 15.56
N GLU A 195 20.57 -22.89 16.21
CA GLU A 195 21.77 -22.16 16.60
C GLU A 195 22.25 -21.34 15.39
N PRO A 196 22.37 -20.02 15.54
CA PRO A 196 22.69 -19.18 14.38
C PRO A 196 24.09 -19.47 13.86
N ALA A 197 24.25 -19.54 12.55
CA ALA A 197 25.54 -19.88 11.91
C ALA A 197 26.26 -18.70 11.21
N PHE A 198 27.53 -18.52 11.53
CA PHE A 198 28.27 -17.35 11.05
C PHE A 198 29.39 -17.73 10.09
N LEU A 199 29.44 -17.06 8.93
CA LEU A 199 30.67 -17.04 8.14
C LEU A 199 31.89 -16.51 8.94
N ALA A 200 33.10 -16.83 8.50
CA ALA A 200 34.32 -16.35 9.20
C ALA A 200 34.44 -14.82 9.11
N ASP A 201 35.15 -14.21 10.04
CA ASP A 201 35.27 -12.73 10.02
C ASP A 201 35.92 -12.20 8.76
N ASP A 202 36.82 -12.98 8.18
CA ASP A 202 37.61 -12.53 7.01
C ASP A 202 36.96 -12.82 5.63
N VAL A 203 35.64 -12.80 5.55
CA VAL A 203 34.97 -13.24 4.33
C VAL A 203 33.66 -12.48 4.33
N ASP A 204 33.15 -12.15 3.14
CA ASP A 204 31.85 -11.51 3.04
C ASP A 204 30.81 -12.36 2.28
N GLY A 205 29.78 -11.72 1.75
CA GLY A 205 28.66 -12.45 1.20
C GLY A 205 28.96 -13.12 -0.12
N ARG A 206 30.08 -12.74 -0.72
CA ARG A 206 30.47 -13.31 -1.99
C ARG A 206 30.47 -14.86 -1.91
N VAL A 207 30.76 -15.37 -0.72
CA VAL A 207 30.93 -16.78 -0.42
C VAL A 207 29.64 -17.57 -0.66
N LEU A 208 28.51 -16.91 -0.40
CA LEU A 208 27.20 -17.46 -0.65
C LEU A 208 27.02 -17.65 -2.14
N PHE A 209 27.53 -16.70 -2.92
CA PHE A 209 27.44 -16.76 -4.37
C PHE A 209 28.29 -17.89 -4.93
N GLU A 210 29.54 -17.97 -4.47
CA GLU A 210 30.46 -19.00 -4.92
C GLU A 210 29.96 -20.39 -4.54
N ARG A 211 28.83 -20.44 -3.83
CA ARG A 211 28.24 -21.70 -3.42
C ARG A 211 27.01 -22.04 -4.25
N ASP A 234 26.37 -19.56 6.90
CA ASP A 234 25.05 -18.90 6.84
C ASP A 234 24.83 -17.35 6.98
N ILE A 235 25.41 -16.65 7.96
CA ILE A 235 25.28 -15.16 8.09
C ILE A 235 26.59 -14.32 8.20
N VAL A 236 26.67 -13.24 7.39
CA VAL A 236 27.87 -12.41 7.14
C VAL A 236 28.30 -11.45 8.23
N MET A 237 29.58 -11.50 8.60
CA MET A 237 30.17 -10.57 9.60
C MET A 237 30.44 -9.17 9.02
N VAL A 238 29.36 -8.46 8.71
CA VAL A 238 29.46 -7.06 8.35
C VAL A 238 29.76 -6.24 9.64
N PRO A 239 30.33 -5.04 9.46
CA PRO A 239 30.89 -4.27 10.58
C PRO A 239 29.97 -4.16 11.80
N PRO A 240 28.71 -3.70 11.62
CA PRO A 240 27.81 -3.71 12.77
C PRO A 240 27.66 -5.08 13.44
N VAL A 241 27.65 -6.18 12.67
CA VAL A 241 27.51 -7.50 13.26
C VAL A 241 28.75 -7.89 14.07
N LEU A 242 29.93 -7.53 13.55
CA LEU A 242 31.20 -7.73 14.26
C LEU A 242 31.20 -6.97 15.57
N ASP A 243 30.77 -5.73 15.60
CA ASP A 243 30.64 -4.81 16.66
CA ASP A 243 30.63 -4.79 16.70
C ASP A 243 29.62 -5.34 17.64
N ALA A 244 28.75 -6.14 17.22
CA ALA A 244 27.75 -6.70 18.09
C ALA A 244 28.31 -7.91 18.80
N ARG A 245 29.07 -8.73 18.09
CA ARG A 245 29.67 -9.90 18.72
C ARG A 245 30.57 -9.44 19.83
N ALA A 246 31.34 -8.38 19.59
CA ALA A 246 32.22 -7.84 20.61
C ALA A 246 31.41 -7.36 21.82
N ARG A 247 30.24 -6.77 21.62
CA ARG A 247 29.50 -6.27 22.78
C ARG A 247 28.79 -7.42 23.47
N GLY A 248 29.15 -8.66 23.16
CA GLY A 248 28.51 -9.84 23.78
C GLY A 248 27.00 -10.02 23.63
N VAL A 249 26.41 -9.51 22.55
CA VAL A 249 24.94 -9.57 22.40
C VAL A 249 24.38 -10.70 21.51
N LEU A 250 25.24 -11.40 20.80
CA LEU A 250 24.77 -12.32 19.78
C LEU A 250 24.44 -13.74 20.25
N ALA A 251 23.99 -13.93 21.48
CA ALA A 251 23.60 -15.28 21.88
C ALA A 251 22.11 -15.48 21.56
N ALA A 252 21.72 -16.66 21.13
CA ALA A 252 20.32 -16.89 20.93
C ALA A 252 19.71 -17.80 22.00
N VAL A 253 18.39 -17.84 22.02
CA VAL A 253 17.58 -18.65 22.88
C VAL A 253 16.60 -19.38 21.95
N PRO A 254 16.14 -20.61 22.29
CA PRO A 254 15.18 -21.26 21.38
C PRO A 254 13.78 -20.65 21.54
N PRO A 255 12.84 -21.00 20.61
CA PRO A 255 11.46 -20.42 20.66
C PRO A 255 10.66 -20.77 21.94
N PRO A 256 9.83 -19.82 22.43
CA PRO A 256 8.89 -20.06 23.54
C PRO A 256 7.74 -21.03 23.17
N ALA A 257 7.02 -21.50 24.18
CA ALA A 257 5.90 -22.38 23.90
C ALA A 257 4.69 -21.55 23.52
N ARG A 258 4.60 -20.34 24.07
CA ARG A 258 3.44 -19.48 23.82
C ARG A 258 3.75 -18.04 24.19
N PHE A 259 2.81 -17.14 23.89
CA PHE A 259 2.85 -15.72 24.22
C PHE A 259 1.84 -15.38 25.30
N SER A 260 2.30 -14.64 26.32
CA SER A 260 1.41 -13.97 27.28
C SER A 260 1.25 -12.49 26.91
N PRO A 261 0.18 -11.83 27.39
CA PRO A 261 0.06 -10.36 27.36
C PRO A 261 1.37 -9.55 27.57
N THR A 262 2.22 -9.97 28.51
CA THR A 262 3.42 -9.19 28.83
C THR A 262 4.73 -9.73 28.19
N GLY A 263 4.67 -10.93 27.63
CA GLY A 263 5.84 -11.52 27.00
C GLY A 263 5.66 -12.97 26.57
N MET A 264 6.68 -13.78 26.85
CA MET A 264 6.65 -15.17 26.41
C MET A 264 6.84 -16.16 27.53
N GLN A 265 6.40 -17.39 27.28
CA GLN A 265 6.68 -18.50 28.17
C GLN A 265 7.31 -19.70 27.45
N TRP A 266 8.34 -20.24 28.08
CA TRP A 266 8.97 -21.46 27.60
C TRP A 266 8.36 -22.72 28.22
N ALA A 267 8.55 -23.84 27.53
CA ALA A 267 7.96 -25.13 27.92
C ALA A 267 8.41 -25.59 29.32
N ASP A 268 9.54 -25.03 29.79
CA ASP A 268 10.11 -25.30 31.10
C ASP A 268 9.54 -24.35 32.17
N GLY A 269 8.44 -23.68 31.85
CA GLY A 269 7.85 -22.71 32.76
C GLY A 269 8.37 -21.27 32.68
N THR A 270 9.65 -21.08 32.32
CA THR A 270 10.32 -19.75 32.26
C THR A 270 9.59 -18.67 31.44
N GLU A 271 9.55 -17.46 32.03
CA GLU A 271 8.94 -16.25 31.42
C GLU A 271 9.98 -15.16 31.12
N ARG A 272 9.66 -14.34 30.10
CA ARG A 272 10.32 -13.02 29.84
C ARG A 272 9.29 -11.99 29.38
N ALA A 273 9.25 -10.84 30.03
CA ALA A 273 8.44 -9.72 29.53
C ALA A 273 9.17 -9.01 28.41
N PHE A 274 8.43 -8.52 27.42
CA PHE A 274 8.99 -7.68 26.36
C PHE A 274 8.02 -6.56 26.06
N ASP A 275 8.59 -5.40 25.75
CA ASP A 275 7.83 -4.27 25.30
C ASP A 275 7.54 -4.36 23.81
N ALA A 276 8.44 -5.02 23.10
CA ALA A 276 8.35 -5.09 21.67
C ALA A 276 8.96 -6.41 21.17
N VAL A 277 8.47 -6.83 19.99
CA VAL A 277 8.96 -8.00 19.27
C VAL A 277 9.21 -7.57 17.83
N ILE A 278 10.41 -7.79 17.32
CA ILE A 278 10.65 -7.57 15.89
C ILE A 278 10.81 -8.91 15.18
N TRP A 279 9.86 -9.19 14.29
CA TRP A 279 9.80 -10.44 13.57
C TRP A 279 10.80 -10.42 12.36
N CYS A 280 11.83 -11.25 12.45
CA CYS A 280 12.84 -11.33 11.41
C CYS A 280 12.79 -12.75 10.81
N THR A 281 11.57 -13.18 10.53
CA THR A 281 11.28 -14.57 10.26
C THR A 281 10.99 -14.88 8.76
N GLY A 282 11.47 -14.00 7.89
CA GLY A 282 11.52 -14.25 6.47
C GLY A 282 10.36 -13.71 5.67
N PHE A 283 10.50 -13.88 4.35
CA PHE A 283 9.45 -13.55 3.39
C PHE A 283 9.04 -14.79 2.59
N ARG A 284 8.00 -14.66 1.77
CA ARG A 284 7.65 -15.65 0.77
C ARG A 284 7.55 -14.91 -0.57
N PRO A 285 7.50 -15.65 -1.69
CA PRO A 285 7.36 -15.01 -2.97
C PRO A 285 6.09 -14.17 -3.08
N ALA A 286 6.18 -12.96 -3.61
CA ALA A 286 4.98 -12.12 -3.76
C ALA A 286 4.30 -12.53 -5.05
N LEU A 287 3.43 -13.53 -4.92
CA LEU A 287 2.91 -14.21 -6.08
C LEU A 287 1.41 -14.15 -6.14
N SER A 288 0.81 -13.16 -5.51
CA SER A 288 -0.65 -13.15 -5.41
C SER A 288 -1.31 -12.91 -6.78
N HIS A 289 -0.53 -12.38 -7.72
CA HIS A 289 -1.00 -12.06 -9.10
C HIS A 289 -1.04 -13.30 -9.98
N LEU A 290 -0.51 -14.43 -9.50
CA LEU A 290 -0.64 -15.70 -10.21
C LEU A 290 -1.60 -16.68 -9.56
N LYS A 291 -2.35 -16.23 -8.56
CA LYS A 291 -3.45 -17.02 -7.96
C LYS A 291 -4.51 -17.27 -9.02
N GLY A 292 -5.09 -18.45 -9.00
CA GLY A 292 -6.17 -18.76 -9.94
C GLY A 292 -5.69 -19.21 -11.31
N LEU A 293 -4.38 -19.07 -11.53
CA LEU A 293 -3.71 -19.88 -12.54
C LEU A 293 -3.35 -21.25 -11.98
N ASP A 294 -3.79 -21.56 -10.75
CA ASP A 294 -3.37 -22.76 -10.01
C ASP A 294 -1.86 -22.95 -10.01
N LEU A 295 -1.05 -21.87 -9.93
CA LEU A 295 0.42 -22.02 -9.93
C LEU A 295 1.05 -22.01 -8.56
N VAL A 296 0.47 -21.27 -7.61
CA VAL A 296 1.08 -21.15 -6.27
C VAL A 296 0.94 -22.45 -5.45
N THR A 297 2.06 -23.04 -5.05
CA THR A 297 2.03 -24.22 -4.20
C THR A 297 1.49 -23.85 -2.79
N PRO A 298 1.14 -24.85 -1.94
CA PRO A 298 0.92 -24.59 -0.51
C PRO A 298 2.06 -23.82 0.18
N GLN A 299 3.30 -24.16 -0.14
CA GLN A 299 4.44 -23.58 0.57
C GLN A 299 4.78 -22.12 0.10
N GLY A 300 3.98 -21.61 -0.87
CA GLY A 300 4.06 -20.21 -1.30
C GLY A 300 4.93 -20.06 -2.53
N GLN A 301 5.21 -21.18 -3.18
CA GLN A 301 6.10 -21.23 -4.34
C GLN A 301 5.36 -21.53 -5.64
N VAL A 302 6.12 -21.97 -6.64
CA VAL A 302 5.52 -22.60 -7.79
C VAL A 302 6.41 -23.73 -8.23
N GLU A 303 5.82 -24.82 -8.73
CA GLU A 303 6.60 -25.96 -9.22
C GLU A 303 7.31 -25.61 -10.52
N VAL A 304 8.64 -25.83 -10.54
CA VAL A 304 9.48 -25.45 -11.67
C VAL A 304 10.26 -26.64 -12.24
N ASP A 305 10.59 -26.59 -13.53
CA ASP A 305 11.41 -27.61 -14.17
C ASP A 305 12.85 -27.58 -13.64
N GLY A 306 13.70 -28.47 -14.15
CA GLY A 306 15.07 -28.63 -13.71
C GLY A 306 15.91 -27.37 -13.86
N SER A 307 15.51 -26.43 -14.73
CA SER A 307 16.30 -25.20 -14.83
C SER A 307 16.04 -24.38 -13.60
N GLY A 308 14.95 -24.70 -12.91
CA GLY A 308 14.46 -23.95 -11.76
C GLY A 308 13.63 -22.71 -12.14
N LEU A 309 13.36 -22.50 -13.43
CA LEU A 309 12.83 -21.20 -13.86
C LEU A 309 11.48 -21.17 -14.59
N ARG A 310 11.10 -22.27 -15.18
CA ARG A 310 9.89 -22.32 -15.99
C ARG A 310 8.92 -23.18 -15.21
N ALA A 311 7.73 -22.65 -15.00
CA ALA A 311 6.72 -23.29 -14.18
C ALA A 311 6.29 -24.62 -14.78
N LEU A 312 6.05 -25.61 -13.94
CA LEU A 312 5.57 -26.90 -14.47
C LEU A 312 4.16 -26.82 -15.06
N ALA A 313 3.23 -26.26 -14.28
CA ALA A 313 1.83 -26.28 -14.65
C ALA A 313 1.49 -25.36 -15.82
N VAL A 314 2.25 -24.28 -16.04
CA VAL A 314 1.94 -23.31 -17.10
C VAL A 314 3.23 -22.81 -17.71
N PRO A 315 3.55 -23.31 -18.91
CA PRO A 315 4.90 -23.16 -19.49
C PRO A 315 5.20 -21.75 -20.03
N SER A 316 4.15 -20.95 -20.12
CA SER A 316 4.29 -19.59 -20.61
C SER A 316 4.84 -18.74 -19.46
N VAL A 317 4.82 -19.31 -18.25
CA VAL A 317 5.20 -18.54 -17.07
C VAL A 317 6.58 -18.86 -16.52
N TRP A 318 7.43 -17.84 -16.44
CA TRP A 318 8.76 -17.96 -15.83
C TRP A 318 8.87 -17.25 -14.50
N LEU A 319 9.78 -17.71 -13.66
CA LEU A 319 10.04 -17.08 -12.36
C LEU A 319 11.50 -16.73 -12.20
N LEU A 320 11.80 -15.58 -11.61
CA LEU A 320 13.15 -15.07 -11.61
C LEU A 320 13.41 -14.36 -10.30
N GLY A 321 14.52 -14.69 -9.65
CA GLY A 321 14.96 -14.02 -8.43
C GLY A 321 14.41 -14.46 -7.08
N TYR A 322 13.45 -15.36 -7.04
CA TYR A 322 12.76 -15.57 -5.77
C TYR A 322 13.57 -16.16 -4.59
N GLY A 323 14.65 -16.87 -4.88
CA GLY A 323 15.30 -17.64 -3.82
C GLY A 323 15.76 -18.96 -4.37
N ASP A 324 16.32 -19.80 -3.49
CA ASP A 324 17.02 -21.00 -3.98
C ASP A 324 16.07 -21.93 -4.69
N TRP A 325 14.81 -21.97 -4.26
CA TRP A 325 13.84 -22.88 -4.84
C TRP A 325 13.66 -22.57 -6.29
N ASN A 326 14.15 -21.38 -6.69
CA ASN A 326 13.99 -20.79 -8.03
C ASN A 326 15.38 -20.53 -8.66
N GLY A 327 16.43 -21.14 -8.10
CA GLY A 327 17.79 -20.83 -8.52
C GLY A 327 18.62 -20.60 -7.28
N MET A 328 19.68 -21.36 -7.13
CA MET A 328 20.62 -21.14 -6.03
C MET A 328 21.14 -19.70 -6.11
N ALA A 329 20.85 -18.93 -5.06
CA ALA A 329 21.34 -17.57 -4.89
C ALA A 329 20.73 -16.62 -5.92
N SER A 330 19.54 -16.97 -6.40
CA SER A 330 18.86 -16.13 -7.36
C SER A 330 18.44 -14.84 -6.65
N ALA A 331 18.15 -14.92 -5.36
CA ALA A 331 17.66 -13.74 -4.66
C ALA A 331 18.84 -12.97 -4.08
N THR A 332 19.82 -12.65 -4.94
CA THR A 332 20.89 -11.70 -4.60
C THR A 332 21.27 -10.95 -5.86
N LEU A 333 21.86 -9.77 -5.68
CA LEU A 333 22.26 -8.94 -6.81
C LEU A 333 23.17 -9.67 -7.82
N ILE A 334 24.13 -10.45 -7.36
CA ILE A 334 25.10 -11.08 -8.26
C ILE A 334 24.56 -12.40 -8.83
N GLY A 335 23.88 -13.15 -7.96
CA GLY A 335 23.20 -14.36 -8.33
C GLY A 335 22.21 -14.14 -9.46
N VAL A 336 21.38 -13.12 -9.39
CA VAL A 336 20.31 -13.03 -10.38
C VAL A 336 20.71 -13.18 -11.87
N THR A 337 21.84 -12.58 -12.28
CA THR A 337 22.30 -12.55 -13.68
C THR A 337 22.18 -13.90 -14.38
N ARG A 338 22.67 -14.96 -13.78
CA ARG A 338 22.69 -16.27 -14.48
C ARG A 338 21.34 -16.69 -14.97
N TYR A 339 20.39 -16.49 -14.09
CA TYR A 339 19.04 -16.93 -14.23
C TYR A 339 18.37 -15.99 -15.18
N ALA A 340 18.71 -14.70 -15.10
CA ALA A 340 18.13 -13.78 -16.01
C ALA A 340 18.49 -14.16 -17.43
N ARG A 341 19.76 -14.46 -17.69
CA ARG A 341 20.18 -14.87 -19.03
C ARG A 341 19.48 -16.19 -19.44
N GLU A 342 19.41 -17.12 -18.49
CA GLU A 342 18.87 -18.44 -18.78
C GLU A 342 17.40 -18.29 -19.14
N ALA A 343 16.64 -17.59 -18.29
CA ALA A 343 15.20 -17.36 -18.50
C ALA A 343 14.96 -16.72 -19.82
N VAL A 344 15.75 -15.71 -20.18
CA VAL A 344 15.45 -14.97 -21.39
C VAL A 344 15.86 -15.80 -22.61
N ARG A 345 16.85 -16.69 -22.48
CA ARG A 345 17.15 -17.56 -23.62
C ARG A 345 16.03 -18.57 -23.83
N GLN A 346 15.47 -19.10 -22.75
CA GLN A 346 14.33 -19.97 -22.93
C GLN A 346 13.12 -19.21 -23.51
N VAL A 347 12.92 -17.94 -23.09
CA VAL A 347 11.76 -17.24 -23.65
C VAL A 347 12.07 -16.84 -25.06
N THR A 348 13.34 -16.50 -25.33
CA THR A 348 13.65 -16.15 -26.74
C THR A 348 13.36 -17.30 -27.74
N ALA A 349 13.80 -18.52 -27.40
CA ALA A 349 13.47 -19.70 -28.20
C ALA A 349 11.96 -19.82 -28.29
N TYR A 350 11.29 -19.80 -27.14
CA TYR A 350 9.85 -19.99 -27.08
C TYR A 350 9.01 -19.13 -28.05
N CYS A 351 9.44 -17.91 -28.34
CA CYS A 351 8.69 -16.99 -29.22
C CYS A 351 9.36 -16.81 -30.58
N ALA A 352 9.53 -17.86 -31.36
CA ALA A 352 10.24 -17.75 -32.64
C ALA A 352 9.57 -18.53 -33.78
N MET B 1 8.71 7.82 25.68
CA MET B 1 7.45 7.85 24.87
C MET B 1 7.05 9.31 24.68
N ASP B 2 7.10 9.80 23.44
CA ASP B 2 6.51 11.11 23.12
C ASP B 2 5.09 11.21 23.69
N SER B 3 4.86 12.20 24.55
CA SER B 3 3.54 12.49 25.05
C SER B 3 3.03 13.74 24.42
N VAL B 4 1.75 13.74 24.07
CA VAL B 4 1.06 14.93 23.57
C VAL B 4 -0.36 14.88 24.06
N ASP B 5 -1.01 16.04 24.12
CA ASP B 5 -2.40 16.02 24.53
C ASP B 5 -3.20 15.30 23.46
N VAL B 6 -3.02 15.73 22.22
CA VAL B 6 -3.79 15.16 21.13
C VAL B 6 -2.94 14.53 20.02
N VAL B 7 -3.21 13.25 19.71
CA VAL B 7 -2.72 12.69 18.47
C VAL B 7 -3.85 12.83 17.49
N VAL B 8 -3.59 13.50 16.38
CA VAL B 8 -4.49 13.45 15.24
C VAL B 8 -4.03 12.40 14.26
N ILE B 9 -4.89 11.41 13.98
CA ILE B 9 -4.56 10.36 13.02
C ILE B 9 -5.18 10.67 11.65
N GLY B 10 -4.34 10.97 10.66
CA GLY B 10 -4.80 11.26 9.32
C GLY B 10 -4.51 12.70 9.00
N GLY B 11 -3.95 12.95 7.82
CA GLY B 11 -3.49 14.31 7.46
C GLY B 11 -3.99 14.84 6.12
N GLY B 12 -5.23 14.49 5.78
CA GLY B 12 -5.95 15.18 4.72
C GLY B 12 -6.62 16.42 5.31
N GLN B 13 -7.40 17.11 4.47
CA GLN B 13 -8.27 18.18 4.93
C GLN B 13 -8.83 17.94 6.33
N SER B 14 -9.33 16.75 6.60
CA SER B 14 -9.99 16.60 7.85
C SER B 14 -8.96 16.85 8.95
N GLY B 15 -7.78 16.22 8.86
CA GLY B 15 -6.70 16.32 9.90
C GLY B 15 -6.00 17.68 9.94
N LEU B 16 -5.76 18.27 8.76
CA LEU B 16 -5.32 19.66 8.68
C LEU B 16 -6.26 20.61 9.43
N SER B 17 -7.57 20.45 9.15
CA SER B 17 -8.59 21.25 9.79
C SER B 17 -8.56 21.09 11.30
N ALA B 18 -8.47 19.89 11.84
CA ALA B 18 -8.44 19.85 13.31
C ALA B 18 -7.15 20.55 13.71
N GLY B 19 -6.14 20.45 12.85
CA GLY B 19 -4.81 20.98 13.15
C GLY B 19 -4.87 22.46 13.39
N TYR B 20 -5.64 23.13 12.54
CA TYR B 20 -5.90 24.56 12.66
C TYR B 20 -6.39 24.98 14.05
N PHE B 21 -7.40 24.28 14.57
CA PHE B 21 -7.96 24.67 15.83
C PHE B 21 -7.05 24.32 16.98
N LEU B 22 -6.38 23.17 16.90
CA LEU B 22 -5.48 22.69 17.98
C LEU B 22 -4.27 23.62 18.14
N ARG B 23 -3.88 24.21 17.02
CA ARG B 23 -2.91 25.30 16.96
C ARG B 23 -3.36 26.54 17.78
N ARG B 24 -4.62 26.93 17.63
CA ARG B 24 -5.14 28.12 18.29
C ARG B 24 -5.41 27.81 19.77
N SER B 25 -5.72 26.56 20.11
CA SER B 25 -5.83 26.19 21.50
C SER B 25 -4.39 26.13 21.99
N GLY B 26 -4.16 25.76 23.24
CA GLY B 26 -2.80 25.76 23.79
C GLY B 26 -2.25 24.36 23.95
N LEU B 27 -3.02 23.36 23.51
CA LEU B 27 -2.67 21.94 23.67
C LEU B 27 -1.47 21.54 22.85
N SER B 28 -0.70 20.58 23.34
CA SER B 28 0.34 19.97 22.52
C SER B 28 -0.30 18.83 21.72
N TYR B 29 0.08 18.70 20.45
CA TYR B 29 -0.51 17.69 19.57
C TYR B 29 0.41 17.35 18.40
N VAL B 30 0.06 16.30 17.66
CA VAL B 30 0.79 15.90 16.44
C VAL B 30 -0.21 15.30 15.44
N ILE B 31 0.11 15.41 14.16
CA ILE B 31 -0.67 14.87 13.04
C ILE B 31 0.10 13.72 12.30
N LEU B 32 -0.39 12.50 12.42
CA LEU B 32 0.26 11.38 11.78
C LEU B 32 -0.40 10.95 10.43
N ASP B 33 0.30 11.07 9.31
CA ASP B 33 -0.33 10.73 8.03
C ASP B 33 0.45 9.68 7.18
N ALA B 34 -0.28 8.78 6.51
CA ALA B 34 0.32 7.58 5.92
C ALA B 34 0.93 7.81 4.55
N GLU B 35 0.51 8.87 3.87
CA GLU B 35 0.87 9.07 2.45
C GLU B 35 2.31 9.51 2.31
N ALA B 36 2.76 9.52 1.04
CA ALA B 36 4.10 9.96 0.69
C ALA B 36 4.14 11.50 0.60
N SER B 37 2.97 12.08 0.33
CA SER B 37 2.81 13.55 0.18
C SER B 37 1.60 14.11 0.93
N PRO B 38 1.53 15.45 1.06
CA PRO B 38 0.30 16.10 1.47
C PRO B 38 -0.77 15.94 0.39
N GLY B 39 -2.04 16.09 0.79
CA GLY B 39 -3.17 16.10 -0.15
C GLY B 39 -4.24 15.07 0.12
N GLY B 40 -3.96 14.25 1.12
CA GLY B 40 -4.86 13.18 1.54
C GLY B 40 -5.16 12.31 0.37
N ALA B 41 -6.44 11.97 0.23
CA ALA B 41 -6.91 11.06 -0.82
C ALA B 41 -7.00 11.66 -2.23
N TRP B 42 -6.81 12.97 -2.36
CA TRP B 42 -6.80 13.62 -3.67
C TRP B 42 -5.67 13.09 -4.58
N GLN B 43 -4.49 12.85 -3.99
CA GLN B 43 -3.40 12.08 -4.59
C GLN B 43 -3.81 10.84 -5.39
N HIS B 44 -4.85 10.14 -4.92
CA HIS B 44 -5.27 8.85 -5.49
C HIS B 44 -6.46 8.93 -6.39
N ALA B 45 -6.76 10.11 -6.93
CA ALA B 45 -7.97 10.28 -7.69
C ALA B 45 -7.64 10.31 -9.18
N TRP B 46 -8.61 10.06 -10.04
CA TRP B 46 -8.35 10.07 -11.46
C TRP B 46 -7.81 11.41 -11.99
N HIS B 47 -7.23 11.38 -13.18
CA HIS B 47 -6.54 12.52 -13.73
C HIS B 47 -7.40 13.74 -13.93
N SER B 48 -8.63 13.52 -14.41
CA SER B 48 -9.49 14.63 -14.82
C SER B 48 -10.32 15.27 -13.69
N LEU B 49 -10.28 14.68 -12.50
CA LEU B 49 -11.08 15.14 -11.40
C LEU B 49 -10.97 16.60 -11.13
N HIS B 50 -12.11 17.27 -11.12
CA HIS B 50 -12.20 18.62 -10.62
C HIS B 50 -13.18 18.59 -9.50
N LEU B 51 -13.14 19.61 -8.66
CA LEU B 51 -14.06 19.77 -7.55
C LEU B 51 -15.43 20.12 -8.07
N PHE B 52 -16.48 19.98 -7.28
CA PHE B 52 -17.82 20.35 -7.79
C PHE B 52 -18.33 21.75 -7.36
N SER B 53 -17.41 22.55 -6.80
CA SER B 53 -17.69 23.86 -6.24
C SER B 53 -16.49 24.75 -6.50
N PRO B 54 -16.68 26.08 -6.50
CA PRO B 54 -15.53 26.98 -6.72
C PRO B 54 -14.57 26.98 -5.55
N ALA B 55 -13.35 27.48 -5.76
CA ALA B 55 -12.32 27.54 -4.71
C ALA B 55 -12.88 27.87 -3.34
N GLY B 56 -13.68 28.94 -3.30
CA GLY B 56 -14.21 29.55 -2.06
C GLY B 56 -15.20 28.68 -1.31
N TRP B 57 -15.79 27.72 -2.03
CA TRP B 57 -16.72 26.76 -1.46
C TRP B 57 -16.00 25.45 -1.14
N SER B 58 -14.71 25.45 -1.37
CA SER B 58 -13.90 24.30 -1.09
C SER B 58 -12.77 24.67 -0.13
N SER B 59 -13.00 25.67 0.73
CA SER B 59 -11.97 26.09 1.66
C SER B 59 -12.21 25.57 3.05
N ILE B 60 -11.10 25.17 3.67
CA ILE B 60 -11.09 24.68 5.04
C ILE B 60 -10.74 25.86 5.96
N PRO B 61 -10.77 25.67 7.29
CA PRO B 61 -10.71 26.81 8.20
C PRO B 61 -9.49 27.69 8.00
N GLY B 62 -9.66 29.00 8.17
CA GLY B 62 -8.53 29.90 8.14
C GLY B 62 -8.14 30.33 6.74
N TRP B 63 -7.10 29.75 6.16
CA TRP B 63 -6.60 30.26 4.90
C TRP B 63 -7.36 29.67 3.73
N PRO B 64 -8.02 30.51 2.93
CA PRO B 64 -8.91 29.99 1.85
C PRO B 64 -8.13 29.39 0.70
N MET B 65 -8.76 28.53 -0.08
CA MET B 65 -8.14 27.98 -1.27
C MET B 65 -7.72 29.08 -2.23
N PRO B 66 -6.47 29.05 -2.71
CA PRO B 66 -6.17 30.00 -3.77
C PRO B 66 -7.16 29.90 -4.91
N ALA B 67 -7.58 31.07 -5.37
CA ALA B 67 -8.32 31.30 -6.62
C ALA B 67 -7.83 30.39 -7.73
N SER B 68 -8.73 29.56 -8.25
CA SER B 68 -8.46 28.74 -9.40
C SER B 68 -9.08 29.41 -10.63
N GLN B 69 -8.50 29.17 -11.81
CA GLN B 69 -8.88 29.92 -13.02
C GLN B 69 -10.01 29.33 -13.88
N GLY B 70 -10.25 28.02 -13.87
CA GLY B 70 -11.50 27.56 -14.55
C GLY B 70 -12.73 27.82 -13.68
N PRO B 71 -13.93 27.30 -14.07
CA PRO B 71 -15.03 27.30 -13.10
C PRO B 71 -14.80 26.45 -11.82
N TYR B 72 -14.14 25.28 -11.93
CA TYR B 72 -13.88 24.41 -10.76
C TYR B 72 -12.42 24.09 -10.64
N PRO B 73 -11.93 23.98 -9.40
CA PRO B 73 -10.54 23.58 -9.16
C PRO B 73 -10.17 22.21 -9.71
N ALA B 74 -8.99 22.14 -10.33
CA ALA B 74 -8.39 20.90 -10.75
C ALA B 74 -7.88 20.12 -9.53
N ARG B 75 -7.80 18.79 -9.68
CA ARG B 75 -7.15 17.97 -8.68
C ARG B 75 -5.82 18.56 -8.14
N ALA B 76 -4.94 18.97 -9.07
CA ALA B 76 -3.63 19.63 -8.77
C ALA B 76 -3.72 20.76 -7.73
N GLU B 77 -4.63 21.68 -8.00
CA GLU B 77 -4.90 22.77 -7.09
C GLU B 77 -5.36 22.29 -5.71
N VAL B 78 -6.11 21.21 -5.62
CA VAL B 78 -6.44 20.74 -4.26
C VAL B 78 -5.16 20.25 -3.55
N LEU B 79 -4.39 19.44 -4.26
CA LEU B 79 -3.15 18.96 -3.71
C LEU B 79 -2.29 20.14 -3.26
N ALA B 80 -2.14 21.15 -4.13
CA ALA B 80 -1.33 22.34 -3.80
C ALA B 80 -1.87 23.15 -2.60
N TYR B 81 -3.18 23.39 -2.56
CA TYR B 81 -3.82 23.98 -1.41
C TYR B 81 -3.46 23.21 -0.15
N LEU B 82 -3.90 21.95 0.00
CA LEU B 82 -3.56 21.23 1.26
C LEU B 82 -2.06 21.26 1.59
N ALA B 83 -1.20 21.17 0.57
CA ALA B 83 0.25 21.28 0.77
C ALA B 83 0.65 22.65 1.27
N GLN B 84 0.19 23.73 0.61
CA GLN B 84 0.49 25.11 1.07
C GLN B 84 -0.02 25.37 2.50
N TYR B 85 -1.18 24.81 2.79
CA TYR B 85 -1.88 24.97 4.07
C TYR B 85 -1.05 24.54 5.28
N GLU B 86 -0.37 23.39 5.16
CA GLU B 86 0.41 22.81 6.24
C GLU B 86 1.64 23.63 6.54
N GLN B 87 2.19 24.19 5.46
CA GLN B 87 3.33 25.09 5.44
C GLN B 87 2.92 26.39 6.18
N LYS B 88 1.94 27.08 5.61
CA LYS B 88 1.41 28.33 6.18
C LYS B 88 1.11 28.26 7.68
N TYR B 89 0.57 27.15 8.18
CA TYR B 89 0.31 27.04 9.61
C TYR B 89 1.32 26.20 10.38
N ALA B 90 2.46 25.90 9.75
CA ALA B 90 3.53 25.08 10.36
C ALA B 90 2.99 23.88 11.16
N LEU B 91 1.94 23.25 10.64
CA LEU B 91 1.30 22.19 11.36
C LEU B 91 2.30 21.04 11.59
N PRO B 92 2.28 20.43 12.79
CA PRO B 92 3.19 19.26 13.08
C PRO B 92 2.75 17.92 12.43
N VAL B 93 2.99 17.80 11.12
CA VAL B 93 2.59 16.61 10.34
C VAL B 93 3.77 15.68 10.06
N LEU B 94 3.69 14.42 10.49
CA LEU B 94 4.70 13.41 10.18
C LEU B 94 4.23 12.44 9.10
N ARG B 95 5.02 12.25 8.06
CA ARG B 95 4.58 11.55 6.86
C ARG B 95 5.78 10.91 6.17
N PRO B 96 5.69 9.63 5.78
CA PRO B 96 4.60 8.71 5.99
C PRO B 96 4.66 8.11 7.38
N ILE B 97 3.53 8.04 8.09
CA ILE B 97 3.43 7.19 9.28
C ILE B 97 2.17 6.37 9.10
N ARG B 98 2.25 5.06 9.34
CA ARG B 98 1.03 4.27 9.34
C ARG B 98 0.67 3.82 10.75
N VAL B 99 -0.38 4.41 11.33
CA VAL B 99 -0.79 4.02 12.68
C VAL B 99 -1.44 2.65 12.63
N GLN B 100 -0.84 1.66 13.30
CA GLN B 100 -1.30 0.28 13.19
C GLN B 100 -2.48 0.02 14.07
N ARG B 101 -2.46 0.63 15.25
CA ARG B 101 -3.44 0.35 16.29
C ARG B 101 -3.40 1.44 17.38
N VAL B 102 -4.57 1.68 17.95
CA VAL B 102 -4.75 2.52 19.14
C VAL B 102 -5.13 1.63 20.36
N SER B 103 -4.47 1.81 21.49
CA SER B 103 -4.76 0.99 22.65
C SER B 103 -4.84 1.80 23.93
N HIS B 104 -5.63 1.29 24.88
CA HIS B 104 -5.69 1.84 26.24
C HIS B 104 -4.34 1.64 26.87
N PHE B 105 -3.79 2.71 27.40
CA PHE B 105 -2.57 2.61 28.21
C PHE B 105 -2.81 3.46 29.44
N GLY B 106 -3.10 2.80 30.56
CA GLY B 106 -3.55 3.45 31.80
C GLY B 106 -4.70 4.43 31.62
N GLU B 107 -4.47 5.66 32.07
CA GLU B 107 -5.42 6.74 31.93
C GLU B 107 -5.76 7.01 30.43
N ARG B 108 -4.74 6.89 29.58
CA ARG B 108 -4.70 7.48 28.23
C ARG B 108 -4.71 6.53 27.01
N LEU B 109 -4.15 7.01 25.90
CA LEU B 109 -4.16 6.26 24.62
C LEU B 109 -2.78 6.08 24.03
N ARG B 110 -2.42 4.84 23.75
CA ARG B 110 -1.17 4.55 23.08
C ARG B 110 -1.47 4.55 21.60
N VAL B 111 -0.71 5.34 20.84
CA VAL B 111 -0.77 5.29 19.38
C VAL B 111 0.49 4.65 18.82
N VAL B 112 0.30 3.50 18.16
CA VAL B 112 1.46 2.73 17.67
C VAL B 112 1.55 2.73 16.14
N ALA B 113 2.76 2.93 15.60
CA ALA B 113 3.01 2.97 14.14
C ALA B 113 3.53 1.64 13.62
N ARG B 114 3.49 1.41 12.30
CA ARG B 114 3.93 0.13 11.72
C ARG B 114 5.42 -0.18 11.97
N ASP B 115 6.21 0.89 12.13
CA ASP B 115 7.63 0.76 12.42
C ASP B 115 8.01 0.83 13.89
N GLY B 116 7.03 0.81 14.80
CA GLY B 116 7.31 0.83 16.24
C GLY B 116 7.35 2.18 16.97
N ARG B 117 7.34 3.30 16.24
CA ARG B 117 7.10 4.61 16.87
C ARG B 117 5.80 4.63 17.64
N GLN B 118 5.76 5.42 18.71
CA GLN B 118 4.72 5.30 19.71
C GLN B 118 4.44 6.63 20.36
N TRP B 119 3.24 7.16 20.17
CA TRP B 119 2.85 8.33 20.95
C TRP B 119 2.02 7.98 22.18
N LEU B 120 1.95 8.90 23.14
CA LEU B 120 1.04 8.73 24.26
C LEU B 120 0.10 9.94 24.36
N ALA B 121 -1.20 9.67 24.26
CA ALA B 121 -2.18 10.73 24.05
C ALA B 121 -3.32 10.70 25.08
N ARG B 122 -3.73 11.88 25.57
CA ARG B 122 -4.91 11.94 26.42
C ARG B 122 -6.14 11.90 25.55
N ALA B 123 -6.00 12.44 24.34
CA ALA B 123 -7.09 12.42 23.39
C ALA B 123 -6.59 12.12 21.96
N VAL B 124 -7.42 11.38 21.20
CA VAL B 124 -7.13 11.00 19.81
C VAL B 124 -8.24 11.51 18.92
N ILE B 125 -7.90 12.15 17.80
CA ILE B 125 -8.90 12.54 16.81
C ILE B 125 -8.66 11.71 15.53
N SER B 126 -9.58 10.79 15.20
CA SER B 126 -9.42 9.91 14.05
C SER B 126 -9.98 10.58 12.80
N ALA B 127 -9.07 10.89 11.86
CA ALA B 127 -9.37 11.65 10.66
C ALA B 127 -8.79 10.96 9.43
N THR B 128 -9.05 9.66 9.31
CA THR B 128 -8.38 8.82 8.33
C THR B 128 -9.13 8.70 6.99
N GLY B 129 -10.27 9.38 6.85
CA GLY B 129 -11.02 9.39 5.57
C GLY B 129 -11.73 8.06 5.27
N THR B 130 -12.18 7.90 4.01
CA THR B 130 -12.89 6.71 3.56
C THR B 130 -12.19 5.98 2.42
N TRP B 131 -11.34 6.69 1.67
CA TRP B 131 -10.71 6.13 0.45
C TRP B 131 -10.09 4.72 0.65
N GLY B 132 -9.46 4.49 1.80
CA GLY B 132 -8.90 3.19 2.07
C GLY B 132 -9.87 2.02 2.27
N GLU B 133 -11.16 2.28 2.41
CA GLU B 133 -12.12 1.16 2.45
C GLU B 133 -13.10 1.32 1.32
N ALA B 134 -12.64 1.01 0.11
CA ALA B 134 -13.49 1.00 -1.05
C ALA B 134 -14.55 -0.06 -0.82
N TYR B 135 -15.80 0.26 -1.19
CA TYR B 135 -16.89 -0.68 -1.03
C TYR B 135 -17.39 -1.26 -2.34
N THR B 136 -17.45 -2.58 -2.41
CA THR B 136 -17.95 -3.33 -3.57
C THR B 136 -18.95 -4.37 -3.10
N PRO B 137 -20.19 -4.36 -3.62
CA PRO B 137 -21.23 -5.23 -3.06
C PRO B 137 -21.03 -6.65 -3.55
N GLU B 138 -21.79 -7.61 -3.03
CA GLU B 138 -21.47 -9.02 -3.27
C GLU B 138 -22.09 -9.73 -4.48
N TYR B 139 -23.26 -9.30 -4.97
CA TYR B 139 -23.86 -9.90 -6.21
C TYR B 139 -23.64 -11.38 -6.59
N GLN B 140 -24.74 -12.12 -6.65
CA GLN B 140 -24.72 -13.50 -7.19
C GLN B 140 -24.20 -13.63 -8.62
N GLY B 141 -23.26 -14.57 -8.80
CA GLY B 141 -22.71 -14.92 -10.13
C GLY B 141 -21.38 -14.25 -10.39
N LEU B 142 -21.09 -13.25 -9.56
CA LEU B 142 -19.97 -12.33 -9.75
C LEU B 142 -18.64 -13.00 -9.81
N GLU B 143 -18.46 -14.05 -9.00
CA GLU B 143 -17.14 -14.65 -8.86
C GLU B 143 -16.71 -15.32 -10.17
N SER B 144 -17.62 -15.39 -11.15
CA SER B 144 -17.36 -16.04 -12.42
C SER B 144 -17.14 -15.03 -13.55
N PHE B 145 -17.42 -13.75 -13.25
CA PHE B 145 -17.27 -12.70 -14.29
C PHE B 145 -15.84 -12.74 -14.78
N ALA B 146 -15.67 -12.79 -16.08
CA ALA B 146 -14.40 -13.11 -16.65
C ALA B 146 -13.75 -11.87 -17.24
N GLY B 147 -14.33 -10.70 -17.00
CA GLY B 147 -13.80 -9.45 -17.56
C GLY B 147 -13.08 -8.64 -16.48
N ILE B 148 -12.70 -7.42 -16.81
CA ILE B 148 -12.04 -6.50 -15.89
C ILE B 148 -13.00 -5.88 -14.83
N GLN B 149 -12.56 -5.83 -13.57
CA GLN B 149 -13.23 -5.04 -12.54
C GLN B 149 -12.25 -4.11 -11.82
N LEU B 150 -12.73 -2.97 -11.37
CA LEU B 150 -11.93 -2.04 -10.57
C LEU B 150 -12.90 -1.10 -9.89
N HIS B 151 -12.46 -0.49 -8.80
CA HIS B 151 -13.30 0.42 -8.04
C HIS B 151 -13.01 1.87 -8.46
N SER B 152 -13.94 2.78 -8.19
CA SER B 152 -13.74 4.17 -8.57
C SER B 152 -12.45 4.66 -7.96
N ALA B 153 -12.12 4.09 -6.79
CA ALA B 153 -10.89 4.34 -6.04
C ALA B 153 -9.60 4.26 -6.86
N HIS B 154 -9.57 3.32 -7.83
CA HIS B 154 -8.38 3.04 -8.64
C HIS B 154 -8.56 3.44 -10.08
N TYR B 155 -9.62 4.18 -10.37
CA TYR B 155 -9.89 4.61 -11.73
C TYR B 155 -8.94 5.77 -12.12
N SER B 156 -8.27 5.68 -13.26
CA SER B 156 -7.27 6.67 -13.59
C SER B 156 -7.65 7.49 -14.79
N THR B 157 -7.82 6.78 -15.90
CA THR B 157 -7.91 7.39 -17.20
C THR B 157 -8.92 6.59 -18.06
N PRO B 158 -9.53 7.21 -19.08
CA PRO B 158 -10.37 6.33 -19.91
C PRO B 158 -9.66 5.40 -20.95
N ALA B 159 -8.44 5.68 -21.44
CA ALA B 159 -7.85 4.87 -22.56
C ALA B 159 -8.03 3.35 -22.42
N PRO B 160 -7.80 2.80 -21.19
CA PRO B 160 -7.96 1.37 -20.97
C PRO B 160 -9.31 0.81 -21.46
N PHE B 161 -10.34 1.65 -21.59
CA PHE B 161 -11.70 1.16 -21.90
C PHE B 161 -12.21 1.33 -23.34
N ALA B 162 -11.39 1.99 -24.17
CA ALA B 162 -11.75 2.22 -25.57
C ALA B 162 -12.21 0.91 -26.26
N GLY B 163 -13.29 0.95 -27.03
CA GLY B 163 -13.81 -0.25 -27.70
C GLY B 163 -14.60 -1.24 -26.83
N MET B 164 -14.52 -1.09 -25.50
CA MET B 164 -15.19 -2.03 -24.63
C MET B 164 -16.68 -1.72 -24.42
N ARG B 165 -17.37 -2.72 -23.89
CA ARG B 165 -18.66 -2.51 -23.29
C ARG B 165 -18.41 -2.45 -21.79
N VAL B 166 -18.72 -1.32 -21.17
CA VAL B 166 -18.41 -1.13 -19.73
C VAL B 166 -19.66 -0.88 -18.86
N ALA B 167 -19.77 -1.56 -17.73
CA ALA B 167 -20.77 -1.22 -16.74
C ALA B 167 -20.16 -0.30 -15.69
N ILE B 168 -20.89 0.78 -15.38
CA ILE B 168 -20.55 1.73 -14.31
C ILE B 168 -21.66 1.53 -13.30
N ILE B 169 -21.31 1.00 -12.12
CA ILE B 169 -22.27 0.62 -11.05
C ILE B 169 -22.11 1.60 -9.87
N GLY B 170 -23.18 2.35 -9.58
CA GLY B 170 -23.18 3.39 -8.55
C GLY B 170 -23.71 4.72 -9.07
N GLY B 171 -24.64 5.33 -8.36
CA GLY B 171 -25.23 6.58 -8.83
C GLY B 171 -24.78 7.78 -8.03
N GLY B 172 -23.57 7.78 -7.49
CA GLY B 172 -23.08 9.00 -6.87
C GLY B 172 -22.53 9.97 -7.91
N ASN B 173 -21.74 10.92 -7.40
CA ASN B 173 -20.95 11.81 -8.28
C ASN B 173 -19.84 11.03 -9.03
N SER B 174 -19.24 10.07 -8.35
CA SER B 174 -18.27 9.21 -9.01
C SER B 174 -18.82 8.44 -10.24
N GLY B 175 -20.05 7.97 -10.12
CA GLY B 175 -20.65 7.21 -11.21
C GLY B 175 -20.87 8.17 -12.33
N ALA B 176 -21.39 9.34 -12.00
CA ALA B 176 -21.76 10.29 -13.01
C ALA B 176 -20.50 10.77 -13.74
N GLN B 177 -19.45 11.03 -12.97
CA GLN B 177 -18.25 11.57 -13.60
C GLN B 177 -17.44 10.51 -14.35
N ILE B 178 -17.26 9.33 -13.76
CA ILE B 178 -16.58 8.23 -14.47
C ILE B 178 -17.42 7.86 -15.70
N LEU B 179 -18.73 7.76 -15.51
CA LEU B 179 -19.64 7.45 -16.62
C LEU B 179 -19.49 8.49 -17.75
N ALA B 180 -19.57 9.78 -17.42
CA ALA B 180 -19.40 10.87 -18.43
C ALA B 180 -18.19 10.61 -19.30
N GLU B 181 -17.06 10.36 -18.65
CA GLU B 181 -15.76 10.27 -19.26
C GLU B 181 -15.54 8.96 -20.02
N VAL B 182 -15.89 7.82 -19.42
CA VAL B 182 -15.67 6.53 -20.06
C VAL B 182 -16.51 6.30 -21.35
N SER B 183 -17.75 6.82 -21.32
CA SER B 183 -18.64 6.70 -22.47
C SER B 183 -18.16 7.54 -23.66
N THR B 184 -17.10 8.31 -23.52
CA THR B 184 -16.54 8.94 -24.71
C THR B 184 -15.60 7.96 -25.44
N VAL B 185 -15.33 6.78 -24.87
CA VAL B 185 -14.58 5.77 -25.59
C VAL B 185 -15.27 4.40 -25.60
N ALA B 186 -16.28 4.24 -24.74
CA ALA B 186 -16.97 2.94 -24.65
C ALA B 186 -18.51 2.99 -24.78
N GLU B 187 -19.08 1.85 -25.21
CA GLU B 187 -20.49 1.55 -25.10
C GLU B 187 -20.73 1.20 -23.63
N THR B 188 -21.48 2.10 -22.98
CA THR B 188 -21.53 2.25 -21.53
C THR B 188 -22.94 1.78 -21.02
N THR B 189 -23.04 1.30 -19.76
CA THR B 189 -24.36 1.00 -19.13
C THR B 189 -24.29 1.42 -17.68
N TRP B 190 -25.20 2.29 -17.26
CA TRP B 190 -25.14 2.85 -15.92
C TRP B 190 -26.18 2.18 -15.08
N ILE B 191 -25.74 1.64 -13.95
CA ILE B 191 -26.55 0.70 -13.14
C ILE B 191 -26.57 1.25 -11.74
N THR B 192 -27.76 1.38 -11.19
CA THR B 192 -28.00 2.26 -10.06
C THR B 192 -29.08 1.67 -9.12
N GLN B 193 -28.88 1.74 -7.81
CA GLN B 193 -29.91 1.20 -6.94
C GLN B 193 -31.24 1.96 -7.00
N HIS B 194 -31.20 3.27 -7.21
CA HIS B 194 -32.40 4.08 -7.28
C HIS B 194 -32.37 5.01 -8.50
N GLU B 195 -33.51 5.58 -8.88
CA GLU B 195 -33.48 6.65 -9.83
C GLU B 195 -32.39 7.62 -9.38
N PRO B 196 -31.47 7.99 -10.28
CA PRO B 196 -30.43 8.92 -9.82
C PRO B 196 -31.03 10.32 -9.68
N ALA B 197 -30.63 11.08 -8.65
CA ALA B 197 -31.14 12.47 -8.43
C ALA B 197 -30.15 13.59 -8.80
N PHE B 198 -30.48 14.41 -9.80
CA PHE B 198 -29.58 15.48 -10.24
C PHE B 198 -29.94 16.82 -9.66
N LEU B 199 -28.96 17.58 -9.21
CA LEU B 199 -29.21 18.98 -8.94
C LEU B 199 -29.47 19.72 -10.26
N ALA B 200 -30.14 20.87 -10.12
CA ALA B 200 -30.46 21.79 -11.21
C ALA B 200 -29.17 22.21 -11.95
N ASP B 201 -29.22 22.20 -13.29
CA ASP B 201 -28.11 22.71 -14.13
C ASP B 201 -27.42 24.01 -13.70
N ASP B 202 -28.14 24.93 -13.08
CA ASP B 202 -27.63 26.29 -12.81
C ASP B 202 -27.04 26.45 -11.41
N VAL B 203 -26.79 25.32 -10.76
CA VAL B 203 -26.20 25.35 -9.44
C VAL B 203 -25.21 24.21 -9.23
N ASP B 204 -24.38 24.34 -8.20
CA ASP B 204 -23.25 23.43 -7.92
C ASP B 204 -23.27 22.88 -6.48
N GLY B 205 -22.30 22.04 -6.16
CA GLY B 205 -22.20 21.38 -4.83
C GLY B 205 -22.40 22.18 -3.53
N ARG B 206 -22.39 23.51 -3.62
CA ARG B 206 -22.64 24.33 -2.44
C ARG B 206 -24.04 24.03 -1.82
N VAL B 207 -24.91 23.44 -2.63
CA VAL B 207 -26.31 23.26 -2.29
C VAL B 207 -26.47 22.04 -1.37
N LEU B 208 -25.56 21.07 -1.54
CA LEU B 208 -25.37 19.98 -0.56
C LEU B 208 -24.88 20.55 0.77
N PHE B 209 -24.06 21.59 0.75
CA PHE B 209 -23.66 22.22 2.01
C PHE B 209 -24.80 22.99 2.66
N GLU B 210 -25.63 23.60 1.84
CA GLU B 210 -26.74 24.36 2.34
C GLU B 210 -27.87 23.51 2.95
N ARG B 211 -28.11 22.30 2.46
CA ARG B 211 -28.88 21.32 3.27
C ARG B 211 -28.23 20.97 4.66
N ASP B 234 -29.01 15.79 -5.31
CA ASP B 234 -27.79 14.95 -5.15
C ASP B 234 -26.51 14.95 -6.12
N ILE B 235 -26.58 14.38 -7.32
CA ILE B 235 -25.44 14.55 -8.22
C ILE B 235 -25.37 15.93 -8.90
N VAL B 236 -24.16 16.52 -8.91
CA VAL B 236 -23.90 17.86 -9.51
C VAL B 236 -23.72 17.92 -11.04
N MET B 237 -24.39 18.84 -11.70
CA MET B 237 -24.18 18.99 -13.14
C MET B 237 -22.89 19.78 -13.45
N VAL B 238 -21.78 19.11 -13.21
CA VAL B 238 -20.47 19.63 -13.53
C VAL B 238 -20.31 19.51 -15.04
N PRO B 239 -19.39 20.30 -15.59
CA PRO B 239 -19.40 20.39 -17.07
C PRO B 239 -19.33 19.03 -17.80
N PRO B 240 -18.41 18.11 -17.42
CA PRO B 240 -18.38 16.83 -18.13
C PRO B 240 -19.72 16.07 -18.05
N VAL B 241 -20.43 16.24 -16.92
CA VAL B 241 -21.70 15.54 -16.69
C VAL B 241 -22.83 16.11 -17.58
N LEU B 242 -22.89 17.43 -17.60
CA LEU B 242 -23.69 18.19 -18.54
C LEU B 242 -23.46 17.68 -19.97
N ASP B 243 -22.20 17.58 -20.40
CA ASP B 243 -21.90 17.10 -21.74
CA ASP B 243 -21.86 17.07 -21.74
C ASP B 243 -22.42 15.66 -21.91
N ALA B 244 -22.31 14.87 -20.84
CA ALA B 244 -22.74 13.49 -20.95
C ALA B 244 -24.25 13.39 -21.15
N ARG B 245 -25.02 14.08 -20.30
CA ARG B 245 -26.50 14.13 -20.46
C ARG B 245 -26.86 14.39 -21.91
N ALA B 246 -26.11 15.29 -22.57
CA ALA B 246 -26.42 15.67 -23.94
C ALA B 246 -26.02 14.58 -24.96
N ARG B 247 -24.96 13.83 -24.68
CA ARG B 247 -24.65 12.72 -25.56
C ARG B 247 -25.69 11.60 -25.36
N GLY B 248 -26.67 11.85 -24.49
CA GLY B 248 -27.74 10.87 -24.18
C GLY B 248 -27.23 9.62 -23.46
N VAL B 249 -26.21 9.75 -22.62
CA VAL B 249 -25.71 8.59 -21.91
C VAL B 249 -26.09 8.54 -20.40
N LEU B 250 -26.63 9.62 -19.86
CA LEU B 250 -26.95 9.61 -18.44
C LEU B 250 -28.27 8.92 -18.19
N ALA B 251 -28.40 7.65 -18.55
CA ALA B 251 -29.67 6.95 -18.33
C ALA B 251 -29.33 5.74 -17.47
N ALA B 252 -29.92 5.67 -16.27
CA ALA B 252 -29.61 4.52 -15.43
C ALA B 252 -30.50 3.34 -15.77
N VAL B 253 -30.11 2.19 -15.30
CA VAL B 253 -30.88 1.00 -15.47
C VAL B 253 -30.91 0.31 -14.06
N PRO B 254 -31.86 -0.58 -13.77
CA PRO B 254 -31.70 -1.07 -12.38
C PRO B 254 -30.65 -2.19 -12.24
N PRO B 255 -30.40 -2.67 -11.01
CA PRO B 255 -29.37 -3.70 -10.77
C PRO B 255 -29.65 -5.03 -11.50
N PRO B 256 -28.59 -5.78 -11.87
CA PRO B 256 -28.86 -7.04 -12.52
C PRO B 256 -29.27 -8.04 -11.43
N ALA B 257 -29.63 -9.26 -11.78
CA ALA B 257 -30.06 -10.23 -10.79
C ALA B 257 -28.90 -11.12 -10.45
N ARG B 258 -28.07 -11.35 -11.45
CA ARG B 258 -26.90 -12.19 -11.32
C ARG B 258 -25.90 -11.75 -12.37
N PHE B 259 -24.64 -12.16 -12.19
CA PHE B 259 -23.57 -12.05 -13.21
C PHE B 259 -23.29 -13.41 -13.85
N SER B 260 -22.84 -13.42 -15.09
CA SER B 260 -22.31 -14.62 -15.68
C SER B 260 -20.81 -14.38 -16.04
N PRO B 261 -20.15 -15.33 -16.74
CA PRO B 261 -18.78 -15.03 -17.19
C PRO B 261 -18.64 -13.91 -18.22
N THR B 262 -19.71 -13.52 -18.91
CA THR B 262 -19.56 -12.51 -19.97
C THR B 262 -20.32 -11.21 -19.71
N GLY B 263 -21.07 -11.15 -18.62
CA GLY B 263 -21.78 -9.92 -18.37
C GLY B 263 -22.72 -10.04 -17.21
N MET B 264 -23.96 -9.62 -17.47
CA MET B 264 -24.99 -9.50 -16.44
C MET B 264 -26.34 -9.91 -17.01
N GLN B 265 -27.19 -10.42 -16.13
CA GLN B 265 -28.56 -10.71 -16.47
C GLN B 265 -29.53 -9.95 -15.59
N TRP B 266 -30.52 -9.33 -16.23
CA TRP B 266 -31.55 -8.63 -15.45
C TRP B 266 -32.71 -9.56 -15.05
N ALA B 267 -33.52 -9.10 -14.10
CA ALA B 267 -34.70 -9.86 -13.58
C ALA B 267 -35.63 -10.45 -14.65
N ASP B 268 -35.92 -9.64 -15.65
CA ASP B 268 -36.76 -9.98 -16.76
C ASP B 268 -36.06 -10.77 -17.84
N GLY B 269 -34.86 -11.20 -17.54
CA GLY B 269 -34.11 -12.18 -18.28
C GLY B 269 -33.11 -11.56 -19.23
N THR B 270 -33.35 -10.30 -19.60
CA THR B 270 -32.47 -9.57 -20.51
C THR B 270 -31.00 -9.79 -20.14
N GLU B 271 -30.14 -9.84 -21.16
CA GLU B 271 -28.72 -10.04 -20.95
C GLU B 271 -27.94 -8.94 -21.63
N ARG B 272 -26.85 -8.50 -20.99
CA ARG B 272 -25.92 -7.51 -21.54
C ARG B 272 -24.49 -8.00 -21.30
N ALA B 273 -23.67 -8.03 -22.35
CA ALA B 273 -22.29 -8.46 -22.15
C ALA B 273 -21.38 -7.28 -21.73
N PHE B 274 -20.37 -7.55 -20.91
CA PHE B 274 -19.42 -6.50 -20.59
C PHE B 274 -18.01 -7.02 -20.59
N ASP B 275 -17.10 -6.16 -21.07
CA ASP B 275 -15.66 -6.39 -20.94
C ASP B 275 -15.13 -5.89 -19.56
N ALA B 276 -15.67 -4.79 -19.05
CA ALA B 276 -15.21 -4.26 -17.77
C ALA B 276 -16.37 -3.74 -16.90
N VAL B 277 -16.19 -3.76 -15.59
CA VAL B 277 -17.11 -3.15 -14.68
C VAL B 277 -16.27 -2.19 -13.85
N ILE B 278 -16.74 -0.95 -13.68
CA ILE B 278 -16.17 -0.01 -12.71
C ILE B 278 -17.16 0.17 -11.54
N TRP B 279 -16.79 -0.38 -10.38
CA TRP B 279 -17.60 -0.20 -9.16
C TRP B 279 -17.43 1.19 -8.55
N CYS B 280 -18.47 2.00 -8.65
CA CYS B 280 -18.42 3.32 -8.01
C CYS B 280 -19.47 3.27 -6.89
N THR B 281 -19.29 2.27 -6.04
CA THR B 281 -20.30 1.86 -5.06
C THR B 281 -20.05 2.40 -3.64
N GLY B 282 -19.12 3.36 -3.53
CA GLY B 282 -18.95 4.12 -2.30
C GLY B 282 -17.82 3.57 -1.48
N PHE B 283 -17.68 4.13 -0.28
CA PHE B 283 -16.55 3.79 0.59
C PHE B 283 -17.00 3.59 2.02
N ARG B 284 -16.17 3.02 2.87
CA ARG B 284 -16.50 3.01 4.31
C ARG B 284 -15.40 3.76 5.11
N PRO B 285 -15.66 4.13 6.39
CA PRO B 285 -14.55 4.70 7.16
C PRO B 285 -13.34 3.78 7.30
N ALA B 286 -12.14 4.36 7.22
CA ALA B 286 -10.89 3.62 7.30
C ALA B 286 -10.50 3.58 8.76
N LEU B 287 -10.94 2.53 9.47
CA LEU B 287 -10.83 2.51 10.90
C LEU B 287 -10.17 1.22 11.40
N SER B 288 -9.33 0.60 10.57
CA SER B 288 -8.62 -0.60 11.01
C SER B 288 -7.67 -0.35 12.19
N HIS B 289 -7.25 0.91 12.38
CA HIS B 289 -6.45 1.32 13.55
C HIS B 289 -7.25 1.38 14.86
N LEU B 290 -8.57 1.46 14.78
CA LEU B 290 -9.44 1.41 15.97
C LEU B 290 -9.99 0.01 16.32
N LYS B 291 -9.50 -1.04 15.67
CA LYS B 291 -9.94 -2.38 16.00
C LYS B 291 -9.45 -2.77 17.40
N GLY B 292 -10.12 -3.73 18.01
CA GLY B 292 -9.71 -4.23 19.33
C GLY B 292 -9.93 -3.21 20.43
N LEU B 293 -10.71 -2.18 20.08
CA LEU B 293 -11.16 -1.18 21.03
C LEU B 293 -12.68 -1.20 21.18
N ASP B 294 -13.32 -2.27 20.67
CA ASP B 294 -14.81 -2.39 20.62
C ASP B 294 -15.50 -1.12 20.11
N LEU B 295 -14.90 -0.42 19.14
CA LEU B 295 -15.40 0.87 18.68
C LEU B 295 -16.00 0.80 17.29
N VAL B 296 -15.62 -0.18 16.50
CA VAL B 296 -16.05 -0.20 15.09
C VAL B 296 -17.32 -1.02 14.95
N THR B 297 -18.39 -0.42 14.47
CA THR B 297 -19.65 -1.13 14.36
C THR B 297 -19.62 -2.12 13.19
N PRO B 298 -20.48 -3.18 13.23
CA PRO B 298 -20.69 -4.03 12.04
C PRO B 298 -20.98 -3.23 10.75
N GLN B 299 -21.70 -2.11 10.84
CA GLN B 299 -21.88 -1.22 9.66
C GLN B 299 -20.60 -0.47 9.24
N GLY B 300 -19.53 -0.64 10.02
CA GLY B 300 -18.22 -0.05 9.76
C GLY B 300 -18.06 1.36 10.31
N GLN B 301 -19.07 1.81 11.05
CA GLN B 301 -19.04 3.13 11.66
C GLN B 301 -18.58 3.05 13.09
N VAL B 302 -18.75 4.16 13.81
CA VAL B 302 -18.56 4.17 15.27
C VAL B 302 -19.79 4.76 15.93
N GLU B 303 -20.13 4.20 17.08
CA GLU B 303 -21.20 4.66 17.95
C GLU B 303 -20.83 6.00 18.54
N VAL B 304 -21.52 7.04 18.08
CA VAL B 304 -21.23 8.42 18.51
C VAL B 304 -22.26 8.97 19.48
N ASP B 305 -21.93 10.07 20.13
CA ASP B 305 -22.91 10.74 20.95
C ASP B 305 -23.74 11.66 20.05
N GLY B 306 -24.51 12.55 20.69
CA GLY B 306 -25.49 13.41 20.03
C GLY B 306 -24.79 14.53 19.29
N SER B 307 -23.52 14.71 19.62
CA SER B 307 -22.61 15.63 18.90
C SER B 307 -22.32 15.10 17.49
N GLY B 308 -22.29 13.78 17.39
CA GLY B 308 -21.79 13.12 16.20
C GLY B 308 -20.28 12.94 16.18
N LEU B 309 -19.57 13.50 17.16
CA LEU B 309 -18.12 13.51 17.13
C LEU B 309 -17.44 12.54 18.12
N ARG B 310 -17.85 12.56 19.37
CA ARG B 310 -17.23 11.79 20.45
C ARG B 310 -17.77 10.33 20.56
N ALA B 311 -16.84 9.37 20.62
CA ALA B 311 -17.21 7.95 20.75
C ALA B 311 -17.87 7.69 22.08
N LEU B 312 -18.75 6.70 22.11
CA LEU B 312 -19.42 6.31 23.34
C LEU B 312 -18.51 5.37 24.14
N ALA B 313 -17.86 4.45 23.44
CA ALA B 313 -17.18 3.32 24.06
C ALA B 313 -15.85 3.72 24.69
N VAL B 314 -15.31 4.82 24.21
CA VAL B 314 -13.98 5.33 24.55
C VAL B 314 -14.09 6.85 24.42
N PRO B 315 -14.56 7.54 25.48
CA PRO B 315 -14.80 8.98 25.37
C PRO B 315 -13.60 9.81 25.00
N SER B 316 -12.42 9.19 24.99
CA SER B 316 -11.19 9.88 24.58
C SER B 316 -10.86 9.75 23.10
N VAL B 317 -11.73 9.13 22.30
CA VAL B 317 -11.58 9.12 20.84
C VAL B 317 -12.65 10.01 20.22
N TRP B 318 -12.23 11.00 19.46
CA TRP B 318 -13.16 11.76 18.63
C TRP B 318 -13.00 11.33 17.17
N LEU B 319 -14.06 11.51 16.37
CA LEU B 319 -14.08 11.11 14.96
C LEU B 319 -14.46 12.28 14.06
N LEU B 320 -13.71 12.48 12.99
CA LEU B 320 -13.84 13.69 12.23
C LEU B 320 -13.79 13.38 10.76
N GLY B 321 -14.65 14.05 10.00
CA GLY B 321 -14.61 14.05 8.55
C GLY B 321 -15.30 12.90 7.83
N TYR B 322 -15.70 11.85 8.54
CA TYR B 322 -16.08 10.61 7.85
C TYR B 322 -17.32 10.67 6.92
N GLY B 323 -18.29 11.53 7.23
CA GLY B 323 -19.54 11.46 6.47
C GLY B 323 -20.76 11.77 7.31
N ASP B 324 -21.94 11.59 6.72
CA ASP B 324 -23.20 12.01 7.36
C ASP B 324 -23.36 11.57 8.82
N TRP B 325 -23.16 10.28 9.09
CA TRP B 325 -23.19 9.74 10.45
C TRP B 325 -22.24 10.41 11.42
N ASN B 326 -21.32 11.21 10.89
CA ASN B 326 -20.29 11.80 11.71
C ASN B 326 -20.32 13.35 11.59
N GLY B 327 -21.53 13.87 11.39
CA GLY B 327 -21.74 15.26 10.99
C GLY B 327 -22.34 15.34 9.59
N MET B 328 -23.16 16.37 9.32
CA MET B 328 -23.98 16.37 8.11
C MET B 328 -23.22 16.41 6.74
N ALA B 329 -22.53 17.51 6.44
CA ALA B 329 -21.74 17.53 5.24
C ALA B 329 -20.26 17.44 5.65
N SER B 330 -19.98 16.62 6.67
CA SER B 330 -18.64 16.56 7.27
C SER B 330 -17.55 16.03 6.34
N ALA B 331 -17.91 15.16 5.42
CA ALA B 331 -16.93 14.66 4.48
C ALA B 331 -16.94 15.51 3.23
N THR B 332 -16.91 16.82 3.43
CA THR B 332 -16.57 17.76 2.35
C THR B 332 -15.62 18.83 2.87
N LEU B 333 -14.99 19.51 1.93
CA LEU B 333 -14.02 20.52 2.24
C LEU B 333 -14.64 21.62 3.08
N ILE B 334 -15.71 22.23 2.60
CA ILE B 334 -16.37 23.36 3.26
C ILE B 334 -17.02 22.92 4.58
N GLY B 335 -17.58 21.71 4.56
CA GLY B 335 -18.34 21.21 5.69
C GLY B 335 -17.57 20.51 6.80
N VAL B 336 -16.26 20.34 6.67
CA VAL B 336 -15.54 19.75 7.80
C VAL B 336 -15.23 20.80 8.91
N THR B 337 -14.86 22.01 8.50
CA THR B 337 -14.53 23.14 9.39
C THR B 337 -15.36 23.19 10.69
N ARG B 338 -16.67 23.27 10.54
CA ARG B 338 -17.62 23.29 11.67
C ARG B 338 -17.30 22.20 12.69
N TYR B 339 -17.11 20.96 12.25
CA TYR B 339 -16.90 19.81 13.12
C TYR B 339 -15.53 19.84 13.68
N ALA B 340 -14.62 20.42 12.90
CA ALA B 340 -13.25 20.49 13.30
C ALA B 340 -13.21 21.34 14.54
N ARG B 341 -13.69 22.58 14.41
CA ARG B 341 -13.78 23.47 15.56
C ARG B 341 -14.49 22.77 16.72
N GLU B 342 -15.61 22.12 16.42
CA GLU B 342 -16.39 21.53 17.47
C GLU B 342 -15.58 20.46 18.20
N ALA B 343 -14.88 19.59 17.46
CA ALA B 343 -14.15 18.50 18.11
C ALA B 343 -12.99 19.05 18.94
N VAL B 344 -12.32 20.09 18.47
CA VAL B 344 -11.24 20.67 19.24
C VAL B 344 -11.74 21.33 20.52
N ARG B 345 -12.85 22.03 20.43
CA ARG B 345 -13.50 22.57 21.61
C ARG B 345 -13.65 21.47 22.67
N GLN B 346 -14.26 20.34 22.31
CA GLN B 346 -14.50 19.27 23.28
C GLN B 346 -13.19 18.67 23.82
N VAL B 347 -12.12 18.73 23.03
CA VAL B 347 -10.89 18.13 23.51
C VAL B 347 -10.14 19.12 24.35
N THR B 348 -10.22 20.40 24.02
CA THR B 348 -9.56 21.39 24.86
C THR B 348 -10.07 21.16 26.30
N ALA B 349 -11.40 21.23 26.43
CA ALA B 349 -12.12 21.03 27.67
C ALA B 349 -11.83 19.67 28.29
N TYR B 350 -11.80 18.62 27.48
CA TYR B 350 -11.52 17.31 28.03
C TYR B 350 -10.17 17.29 28.76
N CYS B 351 -9.17 17.95 28.18
CA CYS B 351 -7.84 18.01 28.80
C CYS B 351 -7.72 18.96 29.99
N ALA B 352 -8.82 19.54 30.48
CA ALA B 352 -8.75 20.47 31.63
C ALA B 352 -9.39 19.95 32.95
PA FAD C . 12.29 -6.60 -5.32
O1A FAD C . 13.21 -5.52 -5.12
O2A FAD C . 11.28 -6.97 -4.32
O5B FAD C . 11.56 -6.75 -6.76
C5B FAD C . 10.85 -5.74 -7.47
C4B FAD C . 9.35 -5.66 -7.16
O4B FAD C . 8.34 -5.99 -8.19
C3B FAD C . 8.93 -4.22 -7.19
O3B FAD C . 9.69 -3.31 -6.46
C2B FAD C . 7.67 -4.55 -6.52
O2B FAD C . 7.06 -3.36 -6.16
C1B FAD C . 7.18 -5.13 -7.83
N9A FAD C . 5.93 -5.89 -7.70
C8A FAD C . 5.62 -6.84 -6.79
N7A FAD C . 4.37 -7.26 -7.05
C5A FAD C . 3.88 -6.61 -8.11
C6A FAD C . 2.67 -6.64 -8.79
N6A FAD C . 1.69 -7.44 -8.44
N1A FAD C . 2.52 -5.81 -9.84
C2A FAD C . 3.51 -4.97 -10.21
N3A FAD C . 4.67 -4.91 -9.59
C4A FAD C . 4.88 -5.73 -8.54
N1 FAD C . 20.80 -9.02 -1.70
C2 FAD C . 22.14 -8.80 -2.03
O2 FAD C . 22.55 -9.05 -3.15
N3 FAD C . 23.02 -8.25 -1.10
C4 FAD C . 22.59 -7.95 0.18
O4 FAD C . 23.44 -7.46 0.93
C4X FAD C . 21.25 -8.20 0.54
N5 FAD C . 20.75 -7.90 1.84
C5X FAD C . 19.34 -7.91 2.05
C6 FAD C . 18.74 -7.36 3.22
C7 FAD C . 17.35 -7.43 3.40
C7M FAD C . 16.77 -6.84 4.67
C8 FAD C . 16.55 -8.03 2.42
C8M FAD C . 15.05 -8.14 2.48
C9 FAD C . 17.12 -8.54 1.28
C9A FAD C . 18.49 -8.49 1.07
N10 FAD C . 19.04 -9.02 -0.10
C10 FAD C . 20.37 -8.71 -0.42
C1' FAD C . 18.25 -9.88 -1.05
C2' FAD C . 18.06 -8.93 -2.22
O2' FAD C . 18.65 -9.44 -3.38
C3' FAD C . 16.61 -8.30 -2.30
O3' FAD C . 15.63 -9.12 -1.76
C4' FAD C . 16.19 -7.70 -3.62
O4' FAD C . 15.23 -6.69 -3.34
C5' FAD C . 15.56 -8.81 -4.52
O5' FAD C . 15.45 -8.41 -5.91
P FAD C . 14.02 -8.52 -6.57
O1P FAD C . 14.09 -7.47 -7.80
O2P FAD C . 13.69 -9.89 -6.93
O3P FAD C . 13.16 -7.94 -5.35
S SO4 D . -0.24 -0.21 -3.70
O1 SO4 D . -1.02 -0.71 -2.57
O2 SO4 D . -0.24 -1.23 -4.77
O3 SO4 D . -0.79 1.03 -4.26
O4 SO4 D . 1.11 0.05 -3.22
S SO4 E . 8.12 0.65 4.61
O1 SO4 E . 8.25 0.59 6.09
O2 SO4 E . 8.97 -0.43 4.17
O3 SO4 E . 6.76 0.44 4.08
O4 SO4 E . 8.60 1.96 4.12
S SO4 F . 3.79 -5.80 10.16
O1 SO4 F . 3.69 -6.51 11.45
O2 SO4 F . 3.88 -6.78 9.06
O3 SO4 F . 2.60 -4.94 9.94
O4 SO4 F . 4.98 -4.95 10.13
S SO4 G . -9.53 -7.69 -11.80
O1 SO4 G . -8.93 -9.04 -11.84
O2 SO4 G . -9.52 -7.13 -13.17
O3 SO4 G . -10.87 -7.74 -11.24
O4 SO4 G . -8.75 -6.86 -10.87
S SO4 H . 37.56 -7.48 -3.66
O1 SO4 H . 37.01 -8.41 -2.69
O2 SO4 H . 37.75 -8.20 -4.91
O3 SO4 H . 36.59 -6.40 -3.87
O4 SO4 H . 38.87 -7.04 -3.20
S SO4 I . 14.55 -20.30 -0.41
O1 SO4 I . 14.16 -20.57 0.98
O2 SO4 I . 14.55 -21.56 -1.16
O3 SO4 I . 13.61 -19.33 -0.99
O4 SO4 I . 15.88 -19.67 -0.48
S SO4 J . 10.11 -18.29 5.46
O1 SO4 J . 10.23 -17.86 6.84
O2 SO4 J . 10.45 -19.71 5.36
O3 SO4 J . 8.74 -18.09 4.99
O4 SO4 J . 11.03 -17.48 4.65
S SO4 K . 11.27 -24.21 -28.25
O1 SO4 K . 10.54 -25.13 -27.34
O2 SO4 K . 12.68 -24.61 -28.14
O3 SO4 K . 10.74 -24.26 -29.63
O4 SO4 K . 11.24 -22.79 -27.88
S SO4 L . 15.72 -19.43 12.51
O1 SO4 L . 14.79 -18.91 13.50
O2 SO4 L . 16.30 -20.69 12.95
O3 SO4 L . 15.02 -19.58 11.24
O4 SO4 L . 16.77 -18.45 12.22
S SO4 M . 1.41 -3.85 16.47
O1 SO4 M . 1.51 -5.26 16.15
O2 SO4 M . 1.63 -3.06 15.26
O3 SO4 M . 0.04 -3.63 16.96
O4 SO4 M . 2.36 -3.43 17.51
S SO4 N . 16.22 -12.72 6.17
O1 SO4 N . 17.13 -12.61 7.34
O2 SO4 N . 17.07 -13.34 5.14
O3 SO4 N . 15.07 -13.57 6.54
O4 SO4 N . 15.61 -11.47 5.66
PA FAD O . -8.53 11.74 3.14
O1A FAD O . -8.25 12.91 2.34
O2A FAD O . -8.57 10.42 2.54
O5B FAD O . -7.78 11.56 4.52
C5B FAD O . -6.45 11.68 4.77
C4B FAD O . -5.96 10.34 5.15
O4B FAD O . -5.66 9.95 6.50
C3B FAD O . -4.55 10.15 4.64
O3B FAD O . -4.31 10.66 3.35
C2B FAD O . -4.67 8.68 4.75
O2B FAD O . -3.54 8.19 4.08
C1B FAD O . -4.59 8.87 6.27
N9A FAD O . -4.71 7.64 7.04
C8A FAD O . -5.69 6.70 6.99
N7A FAD O . -5.37 5.70 7.83
C5A FAD O . -4.21 6.00 8.42
C6A FAD O . -3.39 5.40 9.37
N6A FAD O . -3.71 4.25 9.91
N1A FAD O . -2.25 6.00 9.74
C2A FAD O . -1.88 7.19 9.23
N3A FAD O . -2.63 7.79 8.32
C4A FAD O . -3.79 7.24 7.92
N1 FAD O . -15.46 16.89 -1.39
C2 FAD O . -15.65 18.24 -1.73
O2 FAD O . -15.70 19.10 -0.86
N3 FAD O . -15.79 18.62 -3.06
C4 FAD O . -15.72 17.66 -4.07
O4 FAD O . -15.82 18.02 -5.27
C4X FAD O . -15.52 16.32 -3.71
N5 FAD O . -15.44 15.32 -4.70
C5X FAD O . -15.00 14.02 -4.41
C6 FAD O . -14.69 13.15 -5.46
C7 FAD O . -14.26 11.86 -5.19
C7M FAD O . -13.97 10.94 -6.37
C8 FAD O . -14.17 11.44 -3.85
C8M FAD O . -13.74 10.03 -3.47
C9 FAD O . -14.48 12.33 -2.82
C9A FAD O . -14.89 13.63 -3.09
N10 FAD O . -15.21 14.58 -2.04
C10 FAD O . -15.41 15.93 -2.38
C1' FAD O . -15.15 14.23 -0.59
C2' FAD O . -13.75 14.65 -0.10
O2' FAD O . -13.86 15.57 0.98
C3' FAD O . -12.75 13.48 0.14
O3' FAD O . -13.33 12.34 0.75
C4' FAD O . -11.57 13.89 0.99
O4' FAD O . -10.49 13.07 0.59
C5' FAD O . -11.84 13.65 2.45
O5' FAD O . -10.88 14.32 3.21
P FAD O . -10.35 13.54 4.50
O1P FAD O . -9.08 14.46 5.02
O2P FAD O . -11.32 13.34 5.59
O3P FAD O . -9.91 12.05 3.88
S SO4 P . 1.53 1.67 2.78
O1 SO4 P . 1.05 1.64 4.16
O2 SO4 P . 2.94 2.08 2.77
O3 SO4 P . 1.33 0.34 2.18
O4 SO4 P . 0.78 2.66 2.01
S SO4 Q . -10.11 -2.81 -6.87
O1 SO4 Q . -8.88 -3.18 -6.12
O2 SO4 Q . -10.42 -3.75 -7.96
O3 SO4 Q . -11.22 -2.82 -5.89
O4 SO4 Q . -9.93 -1.51 -7.54
S SO4 R . -8.64 22.66 -16.28
O1 SO4 R . -8.45 22.79 -14.84
O2 SO4 R . -8.32 21.27 -16.61
O3 SO4 R . -10.04 22.92 -16.63
O4 SO4 R . -7.75 23.63 -16.92
S SO4 S . -4.11 4.70 -6.94
O1 SO4 S . -4.13 4.00 -5.65
O2 SO4 S . -3.92 3.72 -8.00
O3 SO4 S . -5.42 5.35 -7.22
O4 SO4 S . -2.96 5.60 -6.95
S SO4 T . -1.89 16.43 -11.87
O1 SO4 T . -0.84 17.45 -11.87
O2 SO4 T . -1.26 15.13 -12.13
O3 SO4 T . -2.50 16.43 -10.55
O4 SO4 T . -2.92 16.77 -12.87
S SO4 U . 7.10 15.13 7.15
O1 SO4 U . 7.20 14.28 8.34
O2 SO4 U . 7.37 14.34 5.94
O3 SO4 U . 5.77 15.72 7.03
O4 SO4 U . 8.10 16.20 7.23
S SO4 V . -26.86 3.62 -5.92
O1 SO4 V . -26.03 2.45 -5.66
O2 SO4 V . -27.19 3.60 -7.34
O3 SO4 V . -28.12 3.63 -5.19
O4 SO4 V . -26.13 4.84 -5.54
S SO4 W . -19.30 8.73 -4.70
O1 SO4 W . -18.99 7.58 -3.85
O2 SO4 W . -18.03 9.41 -4.87
O3 SO4 W . -19.83 8.29 -6.00
O4 SO4 W . -20.27 9.71 -4.11
S SO4 X . -21.03 -15.81 -6.74
O1 SO4 X . -21.95 -16.45 -5.88
O2 SO4 X . -20.12 -16.74 -7.23
O3 SO4 X . -21.81 -15.34 -7.84
O4 SO4 X . -20.41 -14.75 -6.08
#